data_8ZWN
#
_entry.id   8ZWN
#
_cell.length_a   164.378
_cell.length_b   109.061
_cell.length_c   106.666
_cell.angle_alpha   90.00
_cell.angle_beta   125.39
_cell.angle_gamma   90.00
#
_symmetry.space_group_name_H-M   'C 1 2 1'
#
_entity_poly.entity_id   1
_entity_poly.type   'polypeptide(L)'
_entity_poly.pdbx_seq_one_letter_code
;MGSSHHHHHHSSGENLYFQGMNAIIIDDHPLAIAAIRNLLIKNDIEILAELTEGGSAVQRVETLKPDIVIIDVDIPGVNG
IQVLETLRKRQYSGIIIIVSAKNDHFYGKHCADAGANGFVSKKEGMNNIIAAIEAAKNGYCYFPFSLNRFVGSLTSDQQK
LDSLSKQEISVMRYILDGKDNNDIAEKMFISNKTVSTYKSRLMEKLECKSLMDLYTFAQRNKIG
;
_entity_poly.pdbx_strand_id   A,B,C,D
#
# COMPACT_ATOMS: atom_id res chain seq x y z
N GLY A 20 27.54 22.46 -1.92
CA GLY A 20 27.34 23.74 -1.25
C GLY A 20 25.90 24.21 -1.29
N MET A 21 25.02 23.49 -0.59
CA MET A 21 23.62 23.83 -0.53
C MET A 21 23.15 23.83 0.91
N ASN A 22 22.04 24.53 1.17
CA ASN A 22 21.44 24.60 2.49
C ASN A 22 19.93 24.49 2.36
N ALA A 23 19.29 24.10 3.46
CA ALA A 23 17.86 23.81 3.41
C ALA A 23 17.21 24.18 4.74
N ILE A 24 15.88 24.34 4.69
CA ILE A 24 15.06 24.55 5.86
C ILE A 24 13.96 23.50 5.86
N ILE A 25 13.81 22.79 6.98
CA ILE A 25 12.84 21.71 7.12
C ILE A 25 11.66 22.22 7.94
N ILE A 26 10.44 21.97 7.45
CA ILE A 26 9.21 22.41 8.10
C ILE A 26 8.29 21.20 8.18
N ASP A 27 8.16 20.63 9.37
CA ASP A 27 7.46 19.37 9.60
C ASP A 27 7.38 19.15 11.11
N ASP A 28 6.22 18.72 11.59
CA ASP A 28 6.08 18.44 13.02
C ASP A 28 6.01 16.93 13.29
N HIS A 29 6.33 16.10 12.29
CA HIS A 29 6.51 14.67 12.51
C HIS A 29 7.93 14.43 13.00
N PRO A 30 8.13 14.18 14.31
CA PRO A 30 9.50 13.99 14.81
C PRO A 30 10.25 12.87 14.13
N LEU A 31 9.55 11.81 13.71
CA LEU A 31 10.19 10.73 12.98
C LEU A 31 10.64 11.17 11.59
N ALA A 32 10.01 12.20 11.03
CA ALA A 32 10.41 12.71 9.73
C ALA A 32 11.49 13.77 9.81
N ILE A 33 11.51 14.58 10.86
CA ILE A 33 12.60 15.53 11.06
C ILE A 33 13.94 14.80 11.13
N ALA A 34 13.99 13.75 11.95
CA ALA A 34 15.17 12.90 11.96
C ALA A 34 15.39 12.24 10.61
N ALA A 35 14.32 11.80 9.97
CA ALA A 35 14.43 11.14 8.67
C ALA A 35 15.04 12.06 7.62
N ILE A 36 14.66 13.34 7.63
CA ILE A 36 15.07 14.26 6.59
C ILE A 36 16.38 14.96 6.92
N ARG A 37 16.60 15.30 8.19
CA ARG A 37 17.87 15.90 8.61
C ARG A 37 19.03 14.97 8.28
N ASN A 38 18.87 13.68 8.58
CA ASN A 38 19.91 12.70 8.28
C ASN A 38 20.19 12.64 6.77
N LEU A 39 19.12 12.57 5.96
CA LEU A 39 19.30 12.44 4.52
C LEU A 39 19.96 13.69 3.94
N LEU A 40 19.60 14.86 4.43
CA LEU A 40 20.22 16.09 3.93
C LEU A 40 21.70 16.15 4.30
N ILE A 41 22.04 15.71 5.51
CA ILE A 41 23.44 15.68 5.93
C ILE A 41 24.21 14.65 5.11
N LYS A 42 23.56 13.55 4.73
CA LYS A 42 24.21 12.51 3.94
C LYS A 42 24.55 12.98 2.52
N ASN A 43 24.11 14.17 2.12
CA ASN A 43 24.43 14.72 0.81
C ASN A 43 25.05 16.11 0.91
N ASP A 44 25.67 16.43 2.05
CA ASP A 44 26.39 17.69 2.23
C ASP A 44 25.48 18.90 2.04
N ILE A 45 24.24 18.78 2.50
CA ILE A 45 23.26 19.87 2.47
C ILE A 45 23.09 20.37 3.90
N GLU A 46 23.41 21.64 4.12
CA GLU A 46 23.30 22.21 5.45
C GLU A 46 21.84 22.41 5.83
N ILE A 47 21.56 22.32 7.12
CA ILE A 47 20.22 22.54 7.66
C ILE A 47 20.25 23.85 8.43
N LEU A 48 19.60 24.87 7.87
CA LEU A 48 19.62 26.19 8.47
C LEU A 48 18.64 26.32 9.62
N ALA A 49 17.46 25.72 9.49
CA ALA A 49 16.44 25.81 10.53
C ALA A 49 15.52 24.60 10.43
N GLU A 50 14.91 24.25 11.56
CA GLU A 50 13.99 23.11 11.66
C GLU A 50 12.72 23.59 12.35
N LEU A 51 11.77 24.08 11.56
CA LEU A 51 10.51 24.58 12.07
C LEU A 51 9.49 23.46 12.19
N THR A 52 8.47 23.68 13.02
CA THR A 52 7.30 22.81 13.12
C THR A 52 6.03 23.65 13.11
N GLU A 53 6.05 24.81 12.47
CA GLU A 53 4.98 25.78 12.58
C GLU A 53 4.83 26.54 11.28
N GLY A 54 3.59 26.93 10.98
CA GLY A 54 3.29 27.60 9.73
C GLY A 54 3.35 29.11 9.79
N GLY A 55 2.95 29.69 10.92
CA GLY A 55 2.89 31.14 11.02
C GLY A 55 4.23 31.82 10.79
N SER A 56 5.29 31.24 11.35
CA SER A 56 6.64 31.80 11.23
C SER A 56 7.39 31.29 10.02
N ALA A 57 6.75 30.51 9.15
CA ALA A 57 7.44 29.87 8.04
C ALA A 57 7.84 30.89 6.97
N VAL A 58 6.84 31.54 6.37
CA VAL A 58 7.10 32.49 5.28
C VAL A 58 8.14 33.53 5.72
N GLN A 59 8.02 34.00 6.96
CA GLN A 59 8.94 35.04 7.44
C GLN A 59 10.36 34.49 7.58
N ARG A 60 10.51 33.33 8.22
CA ARG A 60 11.85 32.85 8.55
C ARG A 60 12.59 32.28 7.33
N VAL A 61 11.85 31.76 6.34
CA VAL A 61 12.48 31.29 5.11
C VAL A 61 13.16 32.46 4.40
N GLU A 62 12.44 33.57 4.21
CA GLU A 62 13.00 34.72 3.53
C GLU A 62 14.09 35.40 4.34
N THR A 63 14.10 35.23 5.66
CA THR A 63 15.17 35.80 6.47
C THR A 63 16.48 35.07 6.27
N LEU A 64 16.43 33.74 6.21
CA LEU A 64 17.63 32.93 6.01
C LEU A 64 17.95 32.68 4.54
N LYS A 65 16.96 32.82 3.65
CA LYS A 65 17.09 32.58 2.22
C LYS A 65 17.82 31.28 1.91
N PRO A 66 17.21 30.13 2.15
CA PRO A 66 17.85 28.86 1.84
C PRO A 66 17.61 28.45 0.39
N ASP A 67 18.44 27.51 -0.07
CA ASP A 67 18.25 26.95 -1.40
C ASP A 67 17.02 26.06 -1.45
N ILE A 68 16.87 25.18 -0.46
CA ILE A 68 15.80 24.19 -0.41
C ILE A 68 14.92 24.47 0.79
N VAL A 69 13.61 24.34 0.61
CA VAL A 69 12.65 24.37 1.71
C VAL A 69 11.77 23.14 1.57
N ILE A 70 11.79 22.28 2.58
CA ILE A 70 11.04 21.02 2.59
C ILE A 70 9.94 21.14 3.62
N ILE A 71 8.69 21.00 3.18
CA ILE A 71 7.52 21.34 3.98
C ILE A 71 6.53 20.19 3.96
N ASP A 72 6.17 19.71 5.15
CA ASP A 72 5.07 18.77 5.27
C ASP A 72 3.75 19.50 5.05
N VAL A 73 2.85 18.87 4.29
CA VAL A 73 1.57 19.46 3.99
C VAL A 73 0.67 19.56 5.22
N ASP A 74 1.03 18.88 6.31
CA ASP A 74 0.18 18.79 7.50
C ASP A 74 0.67 19.65 8.65
N ILE A 75 1.58 20.58 8.42
CA ILE A 75 2.12 21.41 9.49
C ILE A 75 1.00 22.28 10.08
N PRO A 76 1.03 22.57 11.38
CA PRO A 76 -0.04 23.35 11.98
C PRO A 76 0.12 24.84 11.73
N GLY A 77 -0.98 25.56 11.92
CA GLY A 77 -1.00 26.99 11.71
C GLY A 77 -1.39 27.39 10.31
N VAL A 78 -0.42 27.50 9.43
CA VAL A 78 -0.65 27.80 8.02
C VAL A 78 -0.45 26.51 7.23
N ASN A 79 -1.46 26.16 6.41
CA ASN A 79 -1.37 24.97 5.58
C ASN A 79 -0.10 24.99 4.74
N GLY A 80 0.56 23.83 4.65
CA GLY A 80 1.79 23.74 3.89
C GLY A 80 1.65 24.20 2.45
N ILE A 81 0.45 24.07 1.88
CA ILE A 81 0.22 24.57 0.53
C ILE A 81 0.20 26.09 0.53
N GLN A 82 -0.15 26.71 1.67
CA GLN A 82 -0.19 28.17 1.73
C GLN A 82 1.20 28.76 1.91
N VAL A 83 2.06 28.08 2.67
CA VAL A 83 3.46 28.49 2.77
C VAL A 83 4.07 28.56 1.38
N LEU A 84 3.74 27.58 0.54
CA LEU A 84 4.18 27.60 -0.84
C LEU A 84 3.60 28.80 -1.59
N GLU A 85 2.27 28.85 -1.70
CA GLU A 85 1.61 29.91 -2.47
C GLU A 85 2.07 31.30 -2.03
N THR A 86 2.21 31.52 -0.72
CA THR A 86 2.66 32.82 -0.24
C THR A 86 4.12 33.08 -0.59
N LEU A 87 4.96 32.06 -0.49
CA LEU A 87 6.37 32.23 -0.84
C LEU A 87 6.52 32.50 -2.34
N ARG A 88 5.76 31.80 -3.18
CA ARG A 88 5.80 32.08 -4.61
C ARG A 88 5.20 33.45 -4.91
N LYS A 89 4.12 33.83 -4.23
CA LYS A 89 3.53 35.13 -4.46
C LYS A 89 4.48 36.26 -4.05
N ARG A 90 5.19 36.08 -2.94
CA ARG A 90 6.26 36.98 -2.55
C ARG A 90 7.56 36.73 -3.32
N GLN A 91 7.46 36.01 -4.45
CA GLN A 91 8.52 35.93 -5.45
C GLN A 91 9.78 35.25 -4.91
N TYR A 92 9.60 34.20 -4.11
CA TYR A 92 10.72 33.37 -3.70
C TYR A 92 11.09 32.41 -4.84
N SER A 93 12.37 32.42 -5.21
CA SER A 93 12.84 31.69 -6.39
C SER A 93 13.54 30.38 -6.06
N GLY A 94 13.51 29.94 -4.80
CA GLY A 94 14.23 28.76 -4.41
C GLY A 94 13.45 27.47 -4.61
N ILE A 95 14.12 26.36 -4.34
CA ILE A 95 13.48 25.05 -4.45
C ILE A 95 12.52 24.85 -3.29
N ILE A 96 11.30 24.44 -3.60
CA ILE A 96 10.29 24.10 -2.61
C ILE A 96 9.78 22.70 -2.92
N ILE A 97 9.86 21.80 -1.95
CA ILE A 97 9.47 20.40 -2.12
C ILE A 97 8.49 20.05 -1.01
N ILE A 98 7.22 19.87 -1.39
CA ILE A 98 6.18 19.50 -0.43
C ILE A 98 6.27 18.01 -0.16
N VAL A 99 5.90 17.62 1.07
CA VAL A 99 5.88 16.22 1.49
C VAL A 99 4.61 15.98 2.30
N SER A 100 4.30 14.70 2.46
CA SER A 100 3.09 14.29 3.16
C SER A 100 3.32 12.96 3.85
N ALA A 101 2.61 12.76 4.96
CA ALA A 101 2.74 11.51 5.72
C ALA A 101 2.03 10.35 5.06
N LYS A 102 0.96 10.63 4.28
CA LYS A 102 0.24 9.60 3.57
C LYS A 102 0.82 9.44 2.17
N ASN A 103 0.02 8.97 1.22
CA ASN A 103 0.44 8.97 -0.18
C ASN A 103 0.08 10.28 -0.85
N ASP A 104 -1.21 10.60 -0.89
CA ASP A 104 -1.69 11.91 -1.36
C ASP A 104 -1.21 12.21 -2.78
N HIS A 105 -1.43 11.25 -3.69
CA HIS A 105 -1.02 11.47 -5.08
C HIS A 105 -1.87 12.56 -5.73
N PHE A 106 -3.17 12.56 -5.47
CA PHE A 106 -4.02 13.62 -5.98
C PHE A 106 -3.58 14.98 -5.44
N TYR A 107 -3.12 15.02 -4.19
CA TYR A 107 -2.66 16.27 -3.59
C TYR A 107 -1.45 16.84 -4.32
N GLY A 108 -0.68 15.99 -4.99
CA GLY A 108 0.53 16.45 -5.63
C GLY A 108 0.28 17.46 -6.74
N LYS A 109 -0.73 17.20 -7.57
CA LYS A 109 -1.03 18.10 -8.68
C LYS A 109 -1.44 19.49 -8.18
N HIS A 110 -2.14 19.55 -7.04
CA HIS A 110 -2.46 20.85 -6.46
C HIS A 110 -1.20 21.60 -6.06
N CYS A 111 -0.18 20.88 -5.58
CA CYS A 111 1.10 21.51 -5.28
C CYS A 111 1.80 21.99 -6.55
N ALA A 112 1.81 21.13 -7.59
CA ALA A 112 2.50 21.47 -8.83
C ALA A 112 1.92 22.74 -9.46
N ASP A 113 0.60 22.84 -9.51
CA ASP A 113 -0.02 24.04 -10.03
C ASP A 113 0.17 25.25 -9.11
N ALA A 114 0.47 25.01 -7.83
CA ALA A 114 0.72 26.10 -6.90
C ALA A 114 2.16 26.59 -6.93
N GLY A 115 3.05 25.93 -7.67
CA GLY A 115 4.41 26.37 -7.81
C GLY A 115 5.46 25.52 -7.13
N ALA A 116 5.12 24.31 -6.70
CA ALA A 116 6.10 23.45 -6.06
C ALA A 116 7.11 22.92 -7.07
N ASN A 117 8.33 22.72 -6.60
CA ASN A 117 9.31 21.97 -7.38
C ASN A 117 9.10 20.47 -7.28
N GLY A 118 8.38 20.00 -6.27
CA GLY A 118 8.16 18.58 -6.11
C GLY A 118 7.17 18.27 -5.00
N PHE A 119 6.64 17.06 -5.07
CA PHE A 119 5.77 16.51 -4.03
C PHE A 119 6.16 15.05 -3.84
N VAL A 120 6.68 14.72 -2.66
CA VAL A 120 7.19 13.38 -2.37
C VAL A 120 6.46 12.85 -1.14
N SER A 121 5.87 11.66 -1.28
CA SER A 121 5.23 10.99 -0.15
C SER A 121 6.29 10.30 0.69
N LYS A 122 6.40 10.70 1.96
CA LYS A 122 7.37 10.07 2.85
C LYS A 122 7.05 8.60 3.12
N LYS A 123 5.82 8.17 2.84
CA LYS A 123 5.48 6.76 2.99
C LYS A 123 6.33 5.87 2.09
N GLU A 124 6.88 6.41 1.00
CA GLU A 124 7.61 5.63 0.02
C GLU A 124 9.12 5.79 0.13
N GLY A 125 9.62 6.22 1.28
CA GLY A 125 11.05 6.24 1.53
C GLY A 125 11.67 7.62 1.36
N MET A 126 12.92 7.72 1.81
CA MET A 126 13.66 8.98 1.77
C MET A 126 14.34 9.23 0.42
N ASN A 127 14.66 8.18 -0.35
CA ASN A 127 15.45 8.36 -1.55
C ASN A 127 14.74 9.22 -2.59
N ASN A 128 13.43 9.42 -2.46
CA ASN A 128 12.72 10.29 -3.39
C ASN A 128 12.91 11.77 -3.06
N ILE A 129 13.08 12.10 -1.77
CA ILE A 129 13.39 13.47 -1.39
C ILE A 129 14.63 13.94 -2.13
N ILE A 130 15.74 13.21 -1.97
CA ILE A 130 16.99 13.61 -2.61
C ILE A 130 16.86 13.56 -4.13
N ALA A 131 16.04 12.65 -4.65
CA ALA A 131 15.82 12.62 -6.10
C ALA A 131 15.05 13.84 -6.56
N ALA A 132 14.09 14.30 -5.76
CA ALA A 132 13.38 15.54 -6.08
C ALA A 132 14.34 16.73 -6.04
N ILE A 133 15.25 16.75 -5.08
CA ILE A 133 16.26 17.81 -5.01
C ILE A 133 17.09 17.83 -6.29
N GLU A 134 17.62 16.67 -6.67
CA GLU A 134 18.44 16.59 -7.88
C GLU A 134 17.64 17.01 -9.11
N ALA A 135 16.38 16.58 -9.20
CA ALA A 135 15.55 16.97 -10.33
C ALA A 135 15.33 18.48 -10.37
N ALA A 136 15.23 19.11 -9.21
CA ALA A 136 15.11 20.57 -9.18
C ALA A 136 16.42 21.24 -9.55
N LYS A 137 17.55 20.75 -9.03
CA LYS A 137 18.84 21.31 -9.37
C LYS A 137 19.08 21.30 -10.88
N ASN A 138 18.56 20.30 -11.58
CA ASN A 138 18.73 20.18 -13.01
C ASN A 138 17.63 20.90 -13.80
N GLY A 139 16.76 21.65 -13.11
CA GLY A 139 15.73 22.41 -13.78
C GLY A 139 14.42 21.68 -14.02
N TYR A 140 14.26 20.47 -13.48
CA TYR A 140 13.06 19.68 -13.65
C TYR A 140 12.26 19.67 -12.34
N CYS A 141 11.18 18.88 -12.32
CA CYS A 141 10.35 18.74 -11.13
C CYS A 141 10.02 17.27 -10.92
N TYR A 142 9.53 16.96 -9.72
CA TYR A 142 9.43 15.58 -9.25
C TYR A 142 8.09 15.40 -8.52
N PHE A 143 7.10 14.90 -9.23
CA PHE A 143 5.74 14.75 -8.71
C PHE A 143 5.25 13.33 -8.96
N PRO A 144 4.27 12.87 -8.17
CA PRO A 144 3.78 11.50 -8.37
C PRO A 144 3.03 11.36 -9.69
N PHE A 145 3.26 10.24 -10.35
CA PHE A 145 2.57 9.93 -11.59
C PHE A 145 1.25 9.23 -11.27
N SER A 146 0.16 9.73 -11.84
CA SER A 146 -1.18 9.20 -11.59
C SER A 146 -1.70 8.55 -12.87
N LEU A 147 -1.48 7.24 -12.99
CA LEU A 147 -1.96 6.50 -14.15
C LEU A 147 -3.48 6.55 -14.25
N ASN A 148 -4.17 6.72 -13.13
CA ASN A 148 -5.64 6.76 -13.15
C ASN A 148 -6.16 7.90 -14.00
N ARG A 149 -5.41 9.00 -14.09
CA ARG A 149 -5.89 10.17 -14.83
C ARG A 149 -5.93 9.91 -16.33
N PHE A 150 -5.07 9.02 -16.85
CA PHE A 150 -4.94 8.84 -18.29
C PHE A 150 -5.36 7.47 -18.79
N VAL A 151 -5.42 6.48 -17.92
CA VAL A 151 -5.71 5.10 -18.32
C VAL A 151 -6.59 4.46 -17.26
N GLY A 152 -7.70 3.86 -17.70
CA GLY A 152 -8.55 3.07 -16.84
C GLY A 152 -9.97 3.59 -16.82
N SER A 153 -10.72 3.14 -15.82
CA SER A 153 -12.11 3.47 -15.66
C SER A 153 -12.36 4.54 -14.59
N LEU A 154 -11.30 5.04 -13.96
CA LEU A 154 -11.41 6.06 -12.92
C LEU A 154 -10.87 7.40 -13.38
N THR A 155 -10.72 7.59 -14.70
CA THR A 155 -10.23 8.86 -15.22
C THR A 155 -11.15 10.01 -14.82
N SER A 156 -12.46 9.75 -14.81
CA SER A 156 -13.43 10.78 -14.41
C SER A 156 -13.21 11.18 -12.95
N ASP A 157 -13.29 10.20 -12.04
CA ASP A 157 -13.17 10.50 -10.62
C ASP A 157 -11.86 11.22 -10.29
N GLN A 158 -10.78 10.86 -11.00
CA GLN A 158 -9.49 11.51 -10.74
C GLN A 158 -9.53 12.99 -11.05
N GLN A 159 -10.33 13.39 -12.05
CA GLN A 159 -10.46 14.81 -12.37
C GLN A 159 -11.24 15.55 -11.29
N LYS A 160 -12.24 14.89 -10.70
CA LYS A 160 -12.99 15.50 -9.60
C LYS A 160 -12.10 15.73 -8.40
N LEU A 161 -11.20 14.78 -8.11
CA LEU A 161 -10.19 15.01 -7.08
C LEU A 161 -9.27 16.16 -7.45
N ASP A 162 -8.89 16.26 -8.72
CA ASP A 162 -8.03 17.34 -9.20
C ASP A 162 -8.75 18.67 -9.34
N SER A 163 -10.03 18.75 -8.97
CA SER A 163 -10.79 19.99 -9.03
C SER A 163 -11.15 20.57 -7.67
N LEU A 164 -10.95 19.82 -6.59
CA LEU A 164 -11.31 20.29 -5.26
C LEU A 164 -10.49 21.53 -4.88
N SER A 165 -11.05 22.34 -3.97
CA SER A 165 -10.29 23.48 -3.52
C SER A 165 -9.34 23.09 -2.40
N LYS A 166 -8.37 23.98 -2.15
CA LYS A 166 -7.37 23.75 -1.11
C LYS A 166 -8.00 23.53 0.25
N GLN A 167 -9.20 24.07 0.47
CA GLN A 167 -9.92 23.80 1.71
C GLN A 167 -10.65 22.46 1.64
N GLU A 168 -11.49 22.26 0.62
CA GLU A 168 -12.23 21.01 0.43
C GLU A 168 -11.31 19.81 0.57
N ILE A 169 -10.11 19.95 0.02
CA ILE A 169 -9.04 18.97 0.22
C ILE A 169 -8.91 18.63 1.70
N SER A 170 -8.64 19.65 2.51
CA SER A 170 -8.40 19.43 3.93
C SER A 170 -9.65 18.95 4.63
N VAL A 171 -10.79 19.60 4.34
CA VAL A 171 -12.06 19.14 4.91
C VAL A 171 -12.31 17.69 4.55
N MET A 172 -12.02 17.31 3.29
CA MET A 172 -12.11 15.92 2.89
C MET A 172 -11.20 15.04 3.75
N ARG A 173 -9.87 15.24 3.60
CA ARG A 173 -8.89 14.36 4.22
C ARG A 173 -9.15 14.16 5.71
N TYR A 174 -9.74 15.14 6.39
CA TYR A 174 -10.09 14.95 7.79
C TYR A 174 -11.24 13.95 7.93
N ILE A 175 -12.19 13.96 6.99
CA ILE A 175 -13.32 13.04 7.06
C ILE A 175 -12.85 11.61 6.85
N LEU A 176 -11.92 11.40 5.92
CA LEU A 176 -11.31 10.09 5.75
C LEU A 176 -10.57 9.66 7.02
N ASP A 177 -9.89 10.61 7.67
CA ASP A 177 -9.21 10.33 8.93
C ASP A 177 -10.20 9.84 9.99
N GLY A 178 -11.41 10.39 9.98
CA GLY A 178 -12.43 9.99 10.93
C GLY A 178 -12.77 11.06 11.94
N LYS A 179 -12.64 12.32 11.53
CA LYS A 179 -12.94 13.46 12.39
C LYS A 179 -14.35 13.95 12.08
N ASP A 180 -15.16 14.15 13.12
CA ASP A 180 -16.52 14.59 12.93
C ASP A 180 -16.55 16.07 12.55
N ASN A 181 -17.77 16.60 12.37
CA ASN A 181 -17.93 17.99 11.99
C ASN A 181 -17.34 18.94 13.03
N ASN A 182 -17.32 18.52 14.29
CA ASN A 182 -16.85 19.40 15.35
C ASN A 182 -15.33 19.56 15.31
N ASP A 183 -14.61 18.44 15.28
CA ASP A 183 -13.14 18.50 15.28
C ASP A 183 -12.63 19.36 14.14
N ILE A 184 -13.12 19.11 12.91
CA ILE A 184 -12.65 19.81 11.73
C ILE A 184 -12.80 21.32 11.90
N ALA A 185 -13.93 21.76 12.46
CA ALA A 185 -14.15 23.19 12.67
C ALA A 185 -13.06 23.79 13.54
N GLU A 186 -12.63 23.06 14.57
CA GLU A 186 -11.53 23.54 15.41
C GLU A 186 -10.18 23.29 14.74
N LYS A 187 -10.01 22.12 14.11
CA LYS A 187 -8.74 21.77 13.50
C LYS A 187 -8.35 22.76 12.41
N MET A 188 -9.33 23.29 11.68
CA MET A 188 -9.09 24.31 10.66
C MET A 188 -9.35 25.72 11.17
N PHE A 189 -9.70 25.88 12.46
CA PHE A 189 -10.00 27.17 13.06
C PHE A 189 -11.05 27.94 12.25
N ILE A 190 -12.27 27.42 12.35
CA ILE A 190 -13.41 27.90 11.57
C ILE A 190 -14.68 27.44 12.28
N SER A 191 -15.84 27.90 11.82
CA SER A 191 -17.14 27.58 12.40
C SER A 191 -17.68 26.28 11.83
N ASN A 192 -18.50 25.59 12.64
CA ASN A 192 -19.15 24.37 12.19
C ASN A 192 -20.06 24.62 11.00
N LYS A 193 -20.58 25.84 10.85
CA LYS A 193 -21.42 26.15 9.71
C LYS A 193 -20.61 26.19 8.42
N THR A 194 -19.42 26.80 8.46
CA THR A 194 -18.59 26.85 7.26
C THR A 194 -18.08 25.48 6.89
N VAL A 195 -17.83 24.63 7.89
CA VAL A 195 -17.47 23.24 7.62
C VAL A 195 -18.57 22.56 6.81
N SER A 196 -19.82 22.75 7.23
CA SER A 196 -20.96 22.15 6.54
C SER A 196 -21.06 22.63 5.10
N THR A 197 -20.72 23.90 4.84
CA THR A 197 -20.72 24.41 3.47
C THR A 197 -19.67 23.71 2.63
N TYR A 198 -18.42 23.66 3.12
CA TYR A 198 -17.35 23.00 2.39
C TYR A 198 -17.69 21.54 2.11
N LYS A 199 -18.21 20.84 3.12
CA LYS A 199 -18.53 19.42 2.97
C LYS A 199 -19.49 19.19 1.80
N SER A 200 -20.53 20.02 1.70
CA SER A 200 -21.53 19.82 0.65
C SER A 200 -20.94 20.11 -0.72
N ARG A 201 -20.17 21.20 -0.85
CA ARG A 201 -19.48 21.48 -2.11
C ARG A 201 -18.57 20.32 -2.49
N LEU A 202 -17.77 19.85 -1.52
CA LEU A 202 -16.99 18.63 -1.70
C LEU A 202 -17.86 17.46 -2.15
N MET A 203 -18.89 17.13 -1.36
CA MET A 203 -19.80 16.04 -1.72
C MET A 203 -20.41 16.23 -3.10
N GLU A 204 -20.65 17.47 -3.50
CA GLU A 204 -21.21 17.72 -4.83
C GLU A 204 -20.18 17.51 -5.93
N LYS A 205 -18.98 18.07 -5.75
CA LYS A 205 -17.94 17.93 -6.76
C LYS A 205 -17.54 16.47 -6.96
N LEU A 206 -17.51 15.68 -5.88
CA LEU A 206 -17.17 14.26 -5.96
C LEU A 206 -18.34 13.38 -6.33
N GLU A 207 -19.53 13.95 -6.54
CA GLU A 207 -20.74 13.18 -6.87
C GLU A 207 -21.04 12.12 -5.81
N CYS A 208 -20.85 12.48 -4.55
CA CYS A 208 -21.14 11.61 -3.42
C CYS A 208 -22.31 12.18 -2.64
N LYS A 209 -23.38 11.40 -2.51
CA LYS A 209 -24.57 11.84 -1.80
C LYS A 209 -24.55 11.45 -0.33
N SER A 210 -24.08 10.24 -0.01
CA SER A 210 -24.01 9.75 1.35
C SER A 210 -22.56 9.69 1.83
N LEU A 211 -22.41 9.43 3.13
CA LEU A 211 -21.09 9.11 3.67
C LEU A 211 -20.59 7.77 3.15
N MET A 212 -21.50 6.81 2.97
CA MET A 212 -21.17 5.56 2.31
C MET A 212 -20.59 5.80 0.92
N ASP A 213 -21.11 6.81 0.21
CA ASP A 213 -20.58 7.14 -1.11
C ASP A 213 -19.12 7.56 -1.03
N LEU A 214 -18.79 8.43 -0.07
CA LEU A 214 -17.42 8.90 0.06
C LEU A 214 -16.48 7.77 0.42
N TYR A 215 -16.90 6.87 1.32
CA TYR A 215 -16.09 5.71 1.64
C TYR A 215 -15.77 4.89 0.40
N THR A 216 -16.80 4.61 -0.42
CA THR A 216 -16.58 3.84 -1.64
C THR A 216 -15.78 4.62 -2.66
N PHE A 217 -16.01 5.93 -2.76
CA PHE A 217 -15.19 6.77 -3.64
C PHE A 217 -13.73 6.75 -3.21
N ALA A 218 -13.48 7.03 -1.92
CA ALA A 218 -12.12 7.08 -1.41
C ALA A 218 -11.43 5.73 -1.56
N GLN A 219 -12.12 4.66 -1.21
CA GLN A 219 -11.51 3.33 -1.30
C GLN A 219 -11.29 2.93 -2.75
N ARG A 220 -12.24 3.24 -3.63
CA ARG A 220 -12.08 2.92 -5.05
C ARG A 220 -10.92 3.68 -5.65
N ASN A 221 -10.72 4.93 -5.23
CA ASN A 221 -9.60 5.73 -5.70
C ASN A 221 -8.39 5.65 -4.78
N LYS A 222 -8.45 4.81 -3.75
CA LYS A 222 -7.31 4.52 -2.87
C LYS A 222 -6.81 5.78 -2.18
N ILE A 223 -7.64 6.30 -1.27
CA ILE A 223 -7.33 7.48 -0.47
C ILE A 223 -7.37 7.12 1.00
N GLY A 224 -6.38 7.56 1.75
CA GLY A 224 -6.30 7.30 3.18
C GLY A 224 -5.43 8.28 3.91
N GLN B 19 19.04 -3.43 -14.39
CA GLN B 19 18.60 -4.18 -13.22
C GLN B 19 17.47 -5.13 -13.57
N GLY B 20 17.48 -5.61 -14.81
CA GLY B 20 16.45 -6.53 -15.26
C GLY B 20 15.29 -5.89 -15.99
N MET B 21 15.50 -4.72 -16.58
CA MET B 21 14.46 -4.02 -17.31
C MET B 21 14.85 -3.88 -18.78
N ASN B 22 13.88 -3.46 -19.59
CA ASN B 22 14.08 -3.36 -21.03
C ASN B 22 13.39 -2.10 -21.54
N ALA B 23 13.69 -1.75 -22.80
CA ALA B 23 13.18 -0.50 -23.35
C ALA B 23 13.15 -0.57 -24.87
N ILE B 24 12.38 0.34 -25.47
CA ILE B 24 12.36 0.58 -26.90
C ILE B 24 12.67 2.04 -27.16
N ILE B 25 13.55 2.29 -28.13
CA ILE B 25 13.96 3.63 -28.51
C ILE B 25 13.22 4.03 -29.78
N ILE B 26 12.64 5.22 -29.80
CA ILE B 26 11.92 5.74 -30.97
C ILE B 26 12.43 7.16 -31.21
N ASP B 27 13.44 7.28 -32.08
CA ASP B 27 14.06 8.55 -32.41
C ASP B 27 14.87 8.34 -33.69
N ASP B 28 14.86 9.32 -34.58
CA ASP B 28 15.58 9.21 -35.84
C ASP B 28 16.77 10.16 -35.93
N HIS B 29 17.19 10.73 -34.80
CA HIS B 29 18.47 11.41 -34.71
C HIS B 29 19.56 10.36 -34.50
N PRO B 30 20.36 10.06 -35.52
CA PRO B 30 21.30 8.93 -35.39
C PRO B 30 22.24 9.02 -34.21
N LEU B 31 22.74 10.21 -33.89
CA LEU B 31 23.62 10.34 -32.73
C LEU B 31 22.86 10.16 -31.43
N ALA B 32 21.62 10.64 -31.37
CA ALA B 32 20.81 10.49 -30.16
C ALA B 32 20.54 9.02 -29.87
N ILE B 33 20.29 8.23 -30.92
CA ILE B 33 20.08 6.79 -30.72
C ILE B 33 21.30 6.16 -30.07
N ALA B 34 22.49 6.58 -30.51
CA ALA B 34 23.72 6.03 -29.94
C ALA B 34 23.87 6.38 -28.47
N ALA B 35 23.70 7.66 -28.14
CA ALA B 35 23.88 8.10 -26.75
C ALA B 35 22.81 7.52 -25.84
N ILE B 36 21.62 7.26 -26.37
CA ILE B 36 20.57 6.63 -25.57
C ILE B 36 20.81 5.13 -25.44
N ARG B 37 21.15 4.47 -26.55
CA ARG B 37 21.50 3.05 -26.49
C ARG B 37 22.67 2.81 -25.54
N ASN B 38 23.68 3.67 -25.60
CA ASN B 38 24.81 3.56 -24.69
C ASN B 38 24.38 3.77 -23.25
N LEU B 39 23.46 4.71 -23.01
CA LEU B 39 23.02 4.98 -21.65
C LEU B 39 22.19 3.82 -21.10
N LEU B 40 21.28 3.28 -21.90
CA LEU B 40 20.46 2.16 -21.44
C LEU B 40 21.31 0.93 -21.19
N ILE B 41 22.28 0.66 -22.07
CA ILE B 41 23.14 -0.50 -21.89
C ILE B 41 24.06 -0.31 -20.68
N LYS B 42 24.62 0.89 -20.52
CA LYS B 42 25.51 1.15 -19.40
C LYS B 42 24.83 0.93 -18.06
N ASN B 43 23.50 0.90 -18.02
CA ASN B 43 22.74 0.67 -16.80
C ASN B 43 21.87 -0.58 -16.88
N ASP B 44 22.33 -1.57 -17.65
CA ASP B 44 21.76 -2.92 -17.67
C ASP B 44 20.26 -2.89 -18.00
N ILE B 45 19.92 -2.27 -19.12
CA ILE B 45 18.57 -2.26 -19.66
C ILE B 45 18.62 -2.80 -21.07
N GLU B 46 17.75 -3.77 -21.36
CA GLU B 46 17.78 -4.43 -22.65
C GLU B 46 17.07 -3.58 -23.70
N ILE B 47 17.45 -3.78 -24.96
CA ILE B 47 16.97 -2.97 -26.09
C ILE B 47 16.20 -3.91 -27.02
N LEU B 48 14.87 -3.89 -26.94
CA LEU B 48 14.07 -4.75 -27.81
C LEU B 48 14.03 -4.23 -29.25
N ALA B 49 14.07 -2.92 -29.44
CA ALA B 49 13.93 -2.34 -30.76
C ALA B 49 14.48 -0.92 -30.75
N GLU B 50 14.67 -0.38 -31.96
CA GLU B 50 15.08 1.00 -32.17
C GLU B 50 14.37 1.52 -33.40
N LEU B 51 13.23 2.19 -33.21
CA LEU B 51 12.44 2.69 -34.31
C LEU B 51 12.85 4.12 -34.67
N THR B 52 12.76 4.43 -35.96
CA THR B 52 13.04 5.77 -36.46
C THR B 52 11.82 6.40 -37.13
N GLU B 53 10.67 5.73 -37.07
CA GLU B 53 9.42 6.27 -37.58
C GLU B 53 8.30 5.82 -36.67
N GLY B 54 7.29 6.70 -36.50
CA GLY B 54 6.21 6.39 -35.59
C GLY B 54 5.08 5.59 -36.20
N GLY B 55 4.96 5.58 -37.53
CA GLY B 55 3.84 4.93 -38.20
C GLY B 55 3.52 3.52 -37.74
N SER B 56 4.49 2.85 -37.13
CA SER B 56 4.28 1.55 -36.53
C SER B 56 4.64 1.52 -35.05
N ALA B 57 4.88 2.69 -34.45
CA ALA B 57 5.33 2.75 -33.06
C ALA B 57 4.28 2.18 -32.11
N VAL B 58 3.02 2.62 -32.26
CA VAL B 58 1.95 2.14 -31.39
C VAL B 58 1.86 0.62 -31.44
N GLN B 59 1.94 0.04 -32.64
CA GLN B 59 1.84 -1.41 -32.78
C GLN B 59 3.05 -2.11 -32.16
N ARG B 60 4.26 -1.64 -32.51
CA ARG B 60 5.47 -2.28 -31.99
C ARG B 60 5.47 -2.31 -30.47
N VAL B 61 5.16 -1.17 -29.84
CA VAL B 61 5.18 -1.11 -28.38
C VAL B 61 4.12 -2.02 -27.78
N GLU B 62 2.93 -2.06 -28.40
CA GLU B 62 1.88 -2.94 -27.91
C GLU B 62 2.24 -4.41 -28.08
N THR B 63 3.08 -4.74 -29.07
CA THR B 63 3.47 -6.12 -29.29
C THR B 63 4.61 -6.54 -28.36
N LEU B 64 5.72 -5.80 -28.40
CA LEU B 64 6.88 -6.16 -27.59
C LEU B 64 6.70 -5.84 -26.12
N LYS B 65 5.69 -5.04 -25.77
CA LYS B 65 5.38 -4.62 -24.41
C LYS B 65 6.62 -4.32 -23.58
N PRO B 66 7.43 -3.33 -23.96
CA PRO B 66 8.61 -2.97 -23.16
C PRO B 66 8.23 -2.12 -21.97
N ASP B 67 9.02 -2.25 -20.91
CA ASP B 67 8.83 -1.45 -19.71
C ASP B 67 8.96 0.03 -20.03
N ILE B 68 10.08 0.42 -20.63
CA ILE B 68 10.38 1.81 -20.95
C ILE B 68 10.16 2.05 -22.43
N VAL B 69 9.63 3.22 -22.77
CA VAL B 69 9.56 3.69 -24.14
C VAL B 69 10.10 5.12 -24.18
N ILE B 70 11.03 5.37 -25.10
CA ILE B 70 11.64 6.68 -25.25
C ILE B 70 11.31 7.18 -26.66
N ILE B 71 10.59 8.29 -26.73
CA ILE B 71 10.12 8.85 -27.99
C ILE B 71 10.65 10.26 -28.11
N ASP B 72 11.37 10.54 -29.19
CA ASP B 72 11.66 11.92 -29.55
C ASP B 72 10.39 12.57 -30.06
N VAL B 73 10.13 13.79 -29.59
CA VAL B 73 8.90 14.50 -29.92
C VAL B 73 8.75 14.73 -31.41
N ASP B 74 9.85 14.69 -32.17
CA ASP B 74 9.86 15.05 -33.58
C ASP B 74 10.20 13.86 -34.48
N ILE B 75 9.67 12.68 -34.16
CA ILE B 75 9.80 11.55 -35.08
C ILE B 75 8.93 11.83 -36.29
N PRO B 76 9.31 11.38 -37.48
CA PRO B 76 8.49 11.63 -38.67
C PRO B 76 7.29 10.71 -38.72
N GLY B 77 6.40 10.99 -39.67
CA GLY B 77 5.20 10.19 -39.86
C GLY B 77 4.08 10.58 -38.91
N VAL B 78 4.19 10.16 -37.65
CA VAL B 78 3.28 10.58 -36.58
C VAL B 78 4.16 11.06 -35.43
N ASN B 79 3.97 12.30 -35.01
CA ASN B 79 4.94 12.93 -34.12
C ASN B 79 4.96 12.24 -32.76
N GLY B 80 5.93 12.65 -31.94
CA GLY B 80 6.19 11.94 -30.69
C GLY B 80 5.04 11.97 -29.71
N ILE B 81 4.42 13.15 -29.55
CA ILE B 81 3.33 13.26 -28.59
C ILE B 81 2.09 12.52 -29.08
N GLN B 82 1.92 12.39 -30.40
CA GLN B 82 0.77 11.67 -30.94
C GLN B 82 0.87 10.17 -30.64
N VAL B 83 2.08 9.61 -30.71
CA VAL B 83 2.27 8.22 -30.32
C VAL B 83 1.95 8.03 -28.84
N LEU B 84 2.29 9.02 -28.02
CA LEU B 84 2.00 8.94 -26.59
C LEU B 84 0.50 8.99 -26.32
N GLU B 85 -0.22 9.87 -27.01
CA GLU B 85 -1.65 10.01 -26.77
C GLU B 85 -2.40 8.75 -27.19
N THR B 86 -2.04 8.19 -28.34
CA THR B 86 -2.70 6.98 -28.82
C THR B 86 -2.43 5.79 -27.89
N LEU B 87 -1.17 5.62 -27.49
CA LEU B 87 -0.83 4.53 -26.58
C LEU B 87 -1.64 4.60 -25.29
N ARG B 88 -1.83 5.81 -24.76
CA ARG B 88 -2.59 5.95 -23.51
C ARG B 88 -4.09 5.76 -23.76
N LYS B 89 -4.60 6.27 -24.88
CA LYS B 89 -5.99 6.01 -25.26
C LYS B 89 -6.24 4.51 -25.36
N ARG B 90 -5.30 3.77 -25.92
CA ARG B 90 -5.40 2.32 -26.06
C ARG B 90 -4.89 1.59 -24.82
N GLN B 91 -4.88 2.25 -23.66
CA GLN B 91 -4.74 1.63 -22.35
C GLN B 91 -3.36 1.02 -22.11
N TYR B 92 -2.34 1.49 -22.81
CA TYR B 92 -0.97 1.10 -22.48
C TYR B 92 -0.56 1.79 -21.17
N SER B 93 -0.14 1.00 -20.19
CA SER B 93 0.16 1.52 -18.87
C SER B 93 1.65 1.66 -18.59
N GLY B 94 2.51 1.19 -19.48
CA GLY B 94 3.94 1.20 -19.24
C GLY B 94 4.53 2.60 -19.26
N ILE B 95 5.83 2.65 -18.96
CA ILE B 95 6.54 3.92 -18.85
C ILE B 95 6.76 4.50 -20.24
N ILE B 96 6.50 5.80 -20.38
CA ILE B 96 6.79 6.54 -21.61
C ILE B 96 7.46 7.85 -21.22
N ILE B 97 8.62 8.11 -21.80
CA ILE B 97 9.42 9.29 -21.48
C ILE B 97 9.72 10.02 -22.78
N ILE B 98 9.07 11.17 -22.98
CA ILE B 98 9.30 11.96 -24.18
C ILE B 98 10.64 12.66 -24.08
N VAL B 99 11.37 12.71 -25.19
CA VAL B 99 12.63 13.43 -25.26
C VAL B 99 12.59 14.35 -26.47
N SER B 100 13.46 15.37 -26.45
CA SER B 100 13.48 16.38 -27.50
C SER B 100 14.92 16.73 -27.85
N ALA B 101 15.11 17.19 -29.08
CA ALA B 101 16.39 17.74 -29.51
C ALA B 101 16.47 19.25 -29.29
N LYS B 102 15.34 19.90 -29.04
CA LYS B 102 15.29 21.31 -28.70
C LYS B 102 15.10 21.45 -27.19
N ASN B 103 15.02 22.70 -26.72
CA ASN B 103 14.76 22.93 -25.31
C ASN B 103 13.32 22.59 -24.95
N ASP B 104 12.36 23.28 -25.57
CA ASP B 104 10.94 22.92 -25.53
C ASP B 104 10.43 22.76 -24.10
N HIS B 105 10.77 23.72 -23.24
CA HIS B 105 10.34 23.64 -21.85
C HIS B 105 8.83 23.77 -21.73
N PHE B 106 8.19 24.58 -22.58
CA PHE B 106 6.73 24.69 -22.56
C PHE B 106 6.06 23.41 -23.02
N TYR B 107 6.75 22.61 -23.84
CA TYR B 107 6.19 21.37 -24.35
C TYR B 107 6.05 20.30 -23.27
N GLY B 108 6.70 20.48 -22.12
CA GLY B 108 6.63 19.48 -21.08
C GLY B 108 5.24 19.38 -20.47
N LYS B 109 4.62 20.52 -20.18
CA LYS B 109 3.28 20.52 -19.61
C LYS B 109 2.28 19.83 -20.53
N HIS B 110 2.46 19.98 -21.85
CA HIS B 110 1.54 19.33 -22.78
C HIS B 110 1.72 17.83 -22.79
N CYS B 111 2.94 17.34 -22.58
CA CYS B 111 3.13 15.90 -22.44
C CYS B 111 2.55 15.40 -21.11
N ALA B 112 2.45 16.27 -20.11
CA ALA B 112 1.87 15.92 -18.82
C ALA B 112 0.41 15.53 -18.97
N ASP B 113 -0.41 16.50 -19.35
CA ASP B 113 -1.84 16.28 -19.53
C ASP B 113 -2.16 15.19 -20.54
N ALA B 114 -1.18 14.79 -21.36
CA ALA B 114 -1.35 13.71 -22.33
C ALA B 114 -0.96 12.35 -21.77
N GLY B 115 -0.35 12.30 -20.59
CA GLY B 115 -0.12 11.04 -19.89
C GLY B 115 1.32 10.53 -19.86
N ALA B 116 2.30 11.35 -20.20
CA ALA B 116 3.68 10.88 -20.21
C ALA B 116 4.22 10.73 -18.79
N ASN B 117 5.32 9.97 -18.68
CA ASN B 117 6.06 9.87 -17.43
C ASN B 117 7.27 10.79 -17.39
N GLY B 118 7.80 11.18 -18.54
CA GLY B 118 8.98 12.03 -18.57
C GLY B 118 8.95 12.97 -19.75
N PHE B 119 9.60 14.12 -19.57
CA PHE B 119 9.98 14.97 -20.71
C PHE B 119 11.36 15.53 -20.41
N VAL B 120 12.34 15.11 -21.19
CA VAL B 120 13.73 15.51 -21.01
C VAL B 120 14.26 16.04 -22.33
N SER B 121 14.96 17.17 -22.26
CA SER B 121 15.63 17.71 -23.43
C SER B 121 17.03 17.12 -23.52
N LYS B 122 17.33 16.48 -24.65
CA LYS B 122 18.64 15.89 -24.88
C LYS B 122 19.75 16.92 -25.01
N LYS B 123 19.42 18.21 -24.93
CA LYS B 123 20.43 19.25 -25.06
C LYS B 123 21.30 19.34 -23.81
N GLU B 124 20.74 19.07 -22.64
CA GLU B 124 21.48 19.15 -21.38
C GLU B 124 22.10 17.82 -20.98
N GLY B 125 22.05 16.82 -21.85
CA GLY B 125 22.74 15.56 -21.63
C GLY B 125 21.79 14.40 -21.43
N MET B 126 22.38 13.21 -21.36
CA MET B 126 21.67 11.96 -21.17
C MET B 126 21.40 11.64 -19.70
N ASN B 127 22.05 12.33 -18.78
CA ASN B 127 21.88 12.01 -17.36
C ASN B 127 20.50 12.38 -16.84
N ASN B 128 19.79 13.27 -17.51
CA ASN B 128 18.39 13.52 -17.16
C ASN B 128 17.47 12.44 -17.71
N ILE B 129 17.87 11.75 -18.78
CA ILE B 129 17.08 10.62 -19.28
C ILE B 129 17.09 9.48 -18.27
N ILE B 130 18.26 9.16 -17.72
CA ILE B 130 18.34 8.07 -16.74
C ILE B 130 17.67 8.49 -15.44
N ALA B 131 17.81 9.75 -15.05
CA ALA B 131 17.12 10.24 -13.85
C ALA B 131 15.61 10.25 -14.04
N ALA B 132 15.15 10.49 -15.27
CA ALA B 132 13.72 10.40 -15.55
C ALA B 132 13.24 8.96 -15.47
N ILE B 133 14.09 8.00 -15.83
CA ILE B 133 13.70 6.60 -15.77
C ILE B 133 13.50 6.16 -14.33
N GLU B 134 14.51 6.37 -13.49
CA GLU B 134 14.43 5.94 -12.10
C GLU B 134 13.32 6.68 -11.34
N ALA B 135 13.01 7.91 -11.76
CA ALA B 135 11.88 8.62 -11.18
C ALA B 135 10.56 7.95 -11.56
N ALA B 136 10.46 7.46 -12.79
CA ALA B 136 9.27 6.71 -13.21
C ALA B 136 9.24 5.32 -12.60
N LYS B 137 10.42 4.72 -12.41
CA LYS B 137 10.52 3.48 -11.62
C LYS B 137 9.82 3.62 -10.29
N ASN B 138 10.06 4.74 -9.60
CA ASN B 138 9.51 4.98 -8.27
C ASN B 138 8.11 5.55 -8.30
N GLY B 139 7.46 5.58 -9.46
CA GLY B 139 6.10 6.07 -9.56
C GLY B 139 5.96 7.57 -9.69
N TYR B 140 7.06 8.30 -9.82
CA TYR B 140 7.03 9.74 -10.00
C TYR B 140 7.30 10.09 -11.45
N CYS B 141 7.28 11.38 -11.77
CA CYS B 141 7.52 11.84 -13.14
C CYS B 141 8.52 12.99 -13.12
N TYR B 142 9.16 13.18 -14.28
CA TYR B 142 10.38 13.99 -14.41
C TYR B 142 10.19 14.97 -15.56
N PHE B 143 9.62 16.13 -15.27
CA PHE B 143 9.26 17.14 -16.26
C PHE B 143 9.98 18.45 -15.98
N PRO B 144 10.18 19.28 -17.00
CA PRO B 144 10.80 20.59 -16.75
C PRO B 144 9.98 21.45 -15.80
N PHE B 145 10.67 22.37 -15.15
CA PHE B 145 10.04 23.29 -14.20
C PHE B 145 10.16 24.71 -14.74
N SER B 146 9.02 25.40 -14.84
CA SER B 146 8.95 26.77 -15.34
C SER B 146 8.52 27.68 -14.21
N LEU B 147 9.50 28.29 -13.53
CA LEU B 147 9.21 29.31 -12.54
C LEU B 147 8.44 30.48 -13.14
N ASN B 148 8.61 30.73 -14.44
CA ASN B 148 7.91 31.78 -15.16
C ASN B 148 6.39 31.55 -15.25
N ARG B 149 5.88 30.44 -14.72
CA ARG B 149 4.43 30.22 -14.61
C ARG B 149 3.85 30.68 -13.27
N PHE B 150 4.67 30.78 -12.23
CA PHE B 150 4.20 31.19 -10.90
C PHE B 150 4.91 32.39 -10.33
N VAL B 151 6.09 32.74 -10.82
CA VAL B 151 6.94 33.79 -10.26
C VAL B 151 7.53 34.56 -11.43
N GLY B 152 7.07 35.78 -11.65
CA GLY B 152 7.59 36.64 -12.69
C GLY B 152 6.50 37.43 -13.36
N SER B 153 6.86 38.04 -14.50
CA SER B 153 5.94 38.82 -15.32
C SER B 153 5.45 38.09 -16.56
N LEU B 154 6.25 37.18 -17.11
CA LEU B 154 5.84 36.35 -18.25
C LEU B 154 4.96 35.18 -17.83
N THR B 155 4.04 35.40 -16.90
CA THR B 155 3.09 34.37 -16.48
C THR B 155 1.84 34.33 -17.35
N SER B 156 1.47 35.46 -17.97
CA SER B 156 0.34 35.46 -18.90
C SER B 156 0.70 34.79 -20.22
N ASP B 157 1.88 35.07 -20.76
CA ASP B 157 2.33 34.40 -21.98
C ASP B 157 2.45 32.90 -21.76
N GLN B 158 2.94 32.49 -20.59
CA GLN B 158 3.08 31.06 -20.30
C GLN B 158 1.72 30.37 -20.24
N GLN B 159 0.68 31.08 -19.82
CA GLN B 159 -0.66 30.48 -19.81
C GLN B 159 -1.19 30.32 -21.23
N LYS B 160 -0.90 31.27 -22.11
CA LYS B 160 -1.31 31.16 -23.51
C LYS B 160 -0.58 30.01 -24.20
N LEU B 161 0.67 29.74 -23.81
CA LEU B 161 1.39 28.59 -24.37
C LEU B 161 0.80 27.28 -23.90
N ASP B 162 0.28 27.23 -22.67
CA ASP B 162 -0.43 26.06 -22.18
C ASP B 162 -1.83 25.94 -22.76
N SER B 163 -2.36 27.01 -23.37
CA SER B 163 -3.67 27.00 -23.99
C SER B 163 -3.65 26.46 -25.42
N LEU B 164 -2.48 26.18 -25.97
CA LEU B 164 -2.38 25.74 -27.36
C LEU B 164 -2.75 24.27 -27.49
N SER B 165 -2.97 23.85 -28.73
CA SER B 165 -3.33 22.48 -29.02
C SER B 165 -2.11 21.72 -29.55
N LYS B 166 -2.28 20.40 -29.64
CA LYS B 166 -1.18 19.54 -30.08
C LYS B 166 -0.69 19.90 -31.47
N GLN B 167 -1.60 20.26 -32.36
CA GLN B 167 -1.19 20.66 -33.71
C GLN B 167 -0.70 22.10 -33.73
N GLU B 168 -1.32 22.98 -32.94
CA GLU B 168 -0.90 24.37 -32.90
C GLU B 168 0.54 24.50 -32.42
N ILE B 169 0.93 23.68 -31.44
CA ILE B 169 2.32 23.65 -31.01
C ILE B 169 3.23 23.28 -32.17
N SER B 170 2.86 22.24 -32.93
CA SER B 170 3.70 21.80 -34.04
C SER B 170 3.81 22.88 -35.11
N VAL B 171 2.69 23.53 -35.45
CA VAL B 171 2.76 24.60 -36.44
C VAL B 171 3.60 25.76 -35.94
N MET B 172 3.58 26.01 -34.62
CA MET B 172 4.42 27.06 -34.06
C MET B 172 5.90 26.70 -34.18
N ARG B 173 6.27 25.50 -33.70
CA ARG B 173 7.66 25.06 -33.77
C ARG B 173 8.15 25.00 -35.20
N TYR B 174 7.26 24.73 -36.16
CA TYR B 174 7.66 24.75 -37.57
C TYR B 174 7.88 26.18 -38.06
N ILE B 175 7.03 27.11 -37.61
CA ILE B 175 7.19 28.51 -38.03
C ILE B 175 8.49 29.08 -37.48
N LEU B 176 8.82 28.76 -36.23
CA LEU B 176 10.07 29.21 -35.62
C LEU B 176 11.30 28.54 -36.22
N ASP B 177 11.12 27.57 -37.10
CA ASP B 177 12.22 26.97 -37.85
C ASP B 177 12.36 27.54 -39.25
N GLY B 178 11.37 28.30 -39.72
CA GLY B 178 11.43 28.90 -41.03
C GLY B 178 10.75 28.11 -42.13
N LYS B 179 9.80 27.25 -41.80
CA LYS B 179 9.15 26.40 -42.78
C LYS B 179 7.90 27.07 -43.33
N ASP B 180 7.64 26.85 -44.61
CA ASP B 180 6.49 27.44 -45.28
C ASP B 180 5.27 26.53 -45.12
N ASN B 181 4.11 27.06 -45.53
CA ASN B 181 2.86 26.33 -45.35
C ASN B 181 2.84 25.02 -46.14
N ASN B 182 3.50 24.98 -47.29
CA ASN B 182 3.59 23.73 -48.04
C ASN B 182 4.47 22.72 -47.30
N ASP B 183 5.57 23.18 -46.72
CA ASP B 183 6.46 22.27 -45.98
C ASP B 183 5.76 21.74 -44.74
N ILE B 184 5.00 22.58 -44.03
CA ILE B 184 4.30 22.15 -42.83
C ILE B 184 3.18 21.17 -43.20
N ALA B 185 2.51 21.42 -44.33
CA ALA B 185 1.44 20.52 -44.76
C ALA B 185 1.98 19.13 -45.04
N GLU B 186 3.11 19.04 -45.74
CA GLU B 186 3.70 17.74 -46.06
C GLU B 186 4.21 17.04 -44.80
N LYS B 187 4.79 17.79 -43.86
CA LYS B 187 5.34 17.17 -42.66
C LYS B 187 4.24 16.69 -41.72
N MET B 188 3.15 17.45 -41.60
CA MET B 188 2.06 17.08 -40.71
C MET B 188 0.94 16.31 -41.40
N PHE B 189 1.09 16.00 -42.70
CA PHE B 189 0.12 15.20 -43.44
C PHE B 189 -1.29 15.80 -43.38
N ILE B 190 -1.40 17.07 -43.76
CA ILE B 190 -2.65 17.79 -43.77
C ILE B 190 -2.70 18.68 -45.01
N SER B 191 -3.85 19.30 -45.22
CA SER B 191 -4.04 20.18 -46.36
C SER B 191 -3.50 21.57 -46.06
N ASN B 192 -3.30 22.36 -47.12
CA ASN B 192 -2.83 23.73 -46.95
C ASN B 192 -3.86 24.59 -46.21
N LYS B 193 -5.16 24.31 -46.39
CA LYS B 193 -6.16 25.04 -45.64
C LYS B 193 -6.06 24.75 -44.15
N THR B 194 -5.61 23.55 -43.78
CA THR B 194 -5.48 23.21 -42.37
C THR B 194 -4.24 23.84 -41.74
N VAL B 195 -3.16 24.05 -42.52
CA VAL B 195 -2.02 24.81 -42.01
C VAL B 195 -2.45 26.24 -41.69
N SER B 196 -3.19 26.85 -42.61
CA SER B 196 -3.63 28.23 -42.42
C SER B 196 -4.61 28.34 -41.25
N THR B 197 -5.48 27.35 -41.08
CA THR B 197 -6.42 27.36 -39.97
C THR B 197 -5.68 27.32 -38.63
N TYR B 198 -4.81 26.32 -38.46
CA TYR B 198 -3.99 26.23 -37.25
C TYR B 198 -3.24 27.53 -37.00
N LYS B 199 -2.66 28.11 -38.06
CA LYS B 199 -1.92 29.36 -37.93
C LYS B 199 -2.75 30.45 -37.26
N SER B 200 -4.01 30.59 -37.69
CA SER B 200 -4.87 31.64 -37.15
C SER B 200 -5.16 31.41 -35.67
N ARG B 201 -5.74 30.25 -35.34
CA ARG B 201 -6.06 29.94 -33.95
C ARG B 201 -4.83 30.08 -33.06
N LEU B 202 -3.67 29.60 -33.55
CA LEU B 202 -2.43 29.78 -32.83
C LEU B 202 -2.13 31.26 -32.62
N MET B 203 -2.10 32.04 -33.71
CA MET B 203 -1.84 33.46 -33.59
C MET B 203 -2.84 34.13 -32.64
N GLU B 204 -4.07 33.61 -32.58
CA GLU B 204 -5.08 34.17 -31.69
C GLU B 204 -4.75 33.88 -30.23
N LYS B 205 -4.59 32.60 -29.88
CA LYS B 205 -4.36 32.24 -28.49
C LYS B 205 -3.14 32.95 -27.91
N LEU B 206 -2.10 33.14 -28.73
CA LEU B 206 -0.92 33.88 -28.29
C LEU B 206 -1.11 35.39 -28.37
N GLU B 207 -2.23 35.84 -28.92
CA GLU B 207 -2.51 37.28 -29.08
C GLU B 207 -1.45 37.95 -29.94
N CYS B 208 -1.00 37.25 -30.98
CA CYS B 208 -0.14 37.84 -32.00
C CYS B 208 -0.96 38.11 -33.25
N LYS B 209 -0.55 39.12 -34.02
CA LYS B 209 -1.28 39.50 -35.21
C LYS B 209 -0.36 39.55 -36.42
N SER B 210 0.90 39.91 -36.19
CA SER B 210 1.91 39.98 -37.23
C SER B 210 3.01 38.98 -36.94
N LEU B 211 3.90 38.81 -37.93
CA LEU B 211 5.04 37.92 -37.77
C LEU B 211 5.97 38.41 -36.67
N MET B 212 6.22 39.72 -36.62
CA MET B 212 7.07 40.28 -35.57
C MET B 212 6.47 40.09 -34.19
N ASP B 213 5.14 40.07 -34.07
CA ASP B 213 4.51 39.79 -32.79
C ASP B 213 4.89 38.40 -32.30
N LEU B 214 4.86 37.41 -33.20
CA LEU B 214 5.24 36.05 -32.81
C LEU B 214 6.72 35.98 -32.44
N TYR B 215 7.56 36.73 -33.14
CA TYR B 215 8.98 36.74 -32.81
C TYR B 215 9.22 37.23 -31.39
N THR B 216 8.73 38.44 -31.08
CA THR B 216 8.95 39.00 -29.76
C THR B 216 8.25 38.19 -28.68
N PHE B 217 7.18 37.48 -29.04
CA PHE B 217 6.59 36.53 -28.09
C PHE B 217 7.54 35.38 -27.80
N ALA B 218 8.07 34.75 -28.86
CA ALA B 218 9.00 33.66 -28.67
C ALA B 218 10.28 34.12 -28.00
N GLN B 219 10.78 35.31 -28.38
CA GLN B 219 12.02 35.80 -27.80
C GLN B 219 11.84 36.18 -26.33
N ARG B 220 10.66 36.67 -25.95
CA ARG B 220 10.38 36.95 -24.55
C ARG B 220 10.46 35.68 -23.71
N ASN B 221 9.66 34.67 -24.09
CA ASN B 221 9.61 33.41 -23.36
C ASN B 221 10.74 32.46 -23.73
N LYS B 222 11.64 32.86 -24.64
CA LYS B 222 12.83 32.10 -25.02
C LYS B 222 12.44 30.71 -25.54
N ILE B 223 11.93 30.71 -26.76
CA ILE B 223 11.49 29.48 -27.40
C ILE B 223 12.31 29.20 -28.65
N GLY C 20 -9.93 -18.75 -11.38
CA GLY C 20 -9.00 -18.74 -12.49
C GLY C 20 -7.58 -19.04 -12.08
N MET C 21 -7.42 -19.97 -11.13
CA MET C 21 -6.10 -20.34 -10.62
C MET C 21 -5.92 -21.85 -10.60
N ASN C 22 -4.89 -22.32 -9.92
CA ASN C 22 -4.49 -23.71 -10.01
C ASN C 22 -4.10 -24.24 -8.63
N ALA C 23 -4.14 -25.57 -8.49
CA ALA C 23 -3.92 -26.19 -7.19
C ALA C 23 -3.31 -27.57 -7.36
N ILE C 24 -2.59 -28.00 -6.32
CA ILE C 24 -2.06 -29.36 -6.20
C ILE C 24 -2.64 -29.98 -4.94
N ILE C 25 -3.28 -31.13 -5.09
CA ILE C 25 -3.96 -31.81 -3.99
C ILE C 25 -3.09 -32.96 -3.51
N ILE C 26 -2.70 -32.91 -2.24
CA ILE C 26 -1.84 -33.93 -1.63
C ILE C 26 -2.66 -34.58 -0.51
N ASP C 27 -3.20 -35.76 -0.78
CA ASP C 27 -4.05 -36.47 0.17
C ASP C 27 -4.17 -37.92 -0.30
N ASP C 28 -4.10 -38.86 0.65
CA ASP C 28 -4.22 -40.27 0.33
C ASP C 28 -5.52 -40.88 0.81
N HIS C 29 -6.42 -40.08 1.37
CA HIS C 29 -7.78 -40.53 1.65
C HIS C 29 -8.55 -40.48 0.33
N PRO C 30 -8.94 -41.63 -0.22
CA PRO C 30 -9.45 -41.65 -1.60
C PRO C 30 -10.71 -40.81 -1.80
N LEU C 31 -11.60 -40.77 -0.80
CA LEU C 31 -12.81 -39.96 -0.92
C LEU C 31 -12.48 -38.48 -0.88
N ALA C 32 -11.54 -38.07 -0.02
CA ALA C 32 -11.25 -36.66 0.15
C ALA C 32 -10.68 -36.05 -1.12
N ILE C 33 -9.84 -36.80 -1.84
CA ILE C 33 -9.27 -36.29 -3.09
C ILE C 33 -10.38 -35.95 -4.08
N ALA C 34 -11.44 -36.77 -4.08
CA ALA C 34 -12.57 -36.55 -5.00
C ALA C 34 -13.35 -35.30 -4.62
N ALA C 35 -13.96 -35.32 -3.43
CA ALA C 35 -14.80 -34.20 -3.01
C ALA C 35 -14.05 -32.88 -3.06
N ILE C 36 -12.75 -32.91 -2.78
CA ILE C 36 -11.93 -31.70 -2.91
C ILE C 36 -11.86 -31.26 -4.37
N ARG C 37 -11.52 -32.20 -5.26
CA ARG C 37 -11.45 -31.87 -6.68
C ARG C 37 -12.82 -31.55 -7.27
N ASN C 38 -13.86 -32.26 -6.82
CA ASN C 38 -15.22 -31.87 -7.20
C ASN C 38 -15.49 -30.42 -6.82
N LEU C 39 -15.02 -30.01 -5.64
CA LEU C 39 -15.18 -28.63 -5.21
C LEU C 39 -14.20 -27.70 -5.92
N LEU C 40 -12.95 -28.14 -6.11
CA LEU C 40 -11.97 -27.28 -6.76
C LEU C 40 -12.27 -27.08 -8.24
N ILE C 41 -12.90 -28.06 -8.89
CA ILE C 41 -13.29 -27.86 -10.28
C ILE C 41 -14.59 -27.06 -10.35
N LYS C 42 -15.44 -27.17 -9.31
CA LYS C 42 -16.70 -26.43 -9.31
C LYS C 42 -16.48 -24.93 -9.16
N ASN C 43 -15.43 -24.54 -8.44
CA ASN C 43 -15.10 -23.14 -8.23
C ASN C 43 -14.10 -22.60 -9.25
N ASP C 44 -13.95 -23.29 -10.39
CA ASP C 44 -13.08 -22.84 -11.48
C ASP C 44 -11.63 -22.69 -11.03
N ILE C 45 -11.06 -23.82 -10.62
CA ILE C 45 -9.65 -23.94 -10.29
C ILE C 45 -9.13 -25.19 -10.96
N GLU C 46 -7.97 -25.08 -11.62
CA GLU C 46 -7.38 -26.23 -12.28
C GLU C 46 -6.55 -27.05 -11.29
N ILE C 47 -6.54 -28.36 -11.49
CA ILE C 47 -5.88 -29.29 -10.58
C ILE C 47 -4.64 -29.80 -11.31
N LEU C 48 -3.48 -29.21 -10.97
CA LEU C 48 -2.25 -29.51 -11.70
C LEU C 48 -1.82 -30.96 -11.50
N ALA C 49 -1.92 -31.45 -10.28
CA ALA C 49 -1.54 -32.82 -9.99
C ALA C 49 -2.22 -33.26 -8.70
N GLU C 50 -2.24 -34.57 -8.48
CA GLU C 50 -2.77 -35.17 -7.27
C GLU C 50 -1.76 -36.20 -6.78
N LEU C 51 -1.06 -35.87 -5.69
CA LEU C 51 -0.16 -36.81 -5.05
C LEU C 51 -0.85 -37.50 -3.90
N THR C 52 -0.40 -38.72 -3.62
CA THR C 52 -0.93 -39.52 -2.52
C THR C 52 0.14 -39.84 -1.49
N GLU C 53 1.38 -39.43 -1.72
CA GLU C 53 2.48 -39.61 -0.77
C GLU C 53 3.15 -38.26 -0.54
N GLY C 54 3.97 -38.19 0.51
CA GLY C 54 4.59 -36.94 0.89
C GLY C 54 6.05 -36.83 0.55
N GLY C 55 6.67 -37.95 0.18
CA GLY C 55 8.09 -37.97 -0.14
C GLY C 55 8.47 -37.07 -1.30
N SER C 56 7.86 -37.30 -2.45
CA SER C 56 8.09 -36.49 -3.64
C SER C 56 7.24 -35.24 -3.68
N ALA C 57 6.55 -34.91 -2.58
CA ALA C 57 5.73 -33.70 -2.55
C ALA C 57 6.58 -32.45 -2.72
N VAL C 58 7.56 -32.26 -1.83
CA VAL C 58 8.37 -31.04 -1.83
C VAL C 58 8.95 -30.77 -3.21
N GLN C 59 9.33 -31.83 -3.92
CA GLN C 59 9.88 -31.67 -5.27
C GLN C 59 8.82 -31.20 -6.25
N ARG C 60 7.68 -31.90 -6.30
CA ARG C 60 6.69 -31.63 -7.33
C ARG C 60 5.93 -30.33 -7.07
N VAL C 61 5.78 -29.93 -5.80
CA VAL C 61 5.11 -28.66 -5.54
C VAL C 61 6.01 -27.50 -5.93
N GLU C 62 7.32 -27.65 -5.79
CA GLU C 62 8.23 -26.60 -6.23
C GLU C 62 8.33 -26.53 -7.75
N THR C 63 8.20 -27.67 -8.43
CA THR C 63 8.35 -27.69 -9.88
C THR C 63 7.14 -27.10 -10.59
N LEU C 64 5.93 -27.58 -10.26
CA LEU C 64 4.73 -27.11 -10.94
C LEU C 64 4.33 -25.70 -10.55
N LYS C 65 4.94 -25.14 -9.50
CA LYS C 65 4.68 -23.80 -8.99
C LYS C 65 3.18 -23.48 -8.96
N PRO C 66 2.38 -24.24 -8.21
CA PRO C 66 0.94 -23.99 -8.18
C PRO C 66 0.64 -22.74 -7.37
N ASP C 67 -0.63 -22.35 -7.39
CA ASP C 67 -1.09 -21.25 -6.56
C ASP C 67 -1.53 -21.72 -5.18
N ILE C 68 -2.30 -22.81 -5.14
CA ILE C 68 -2.85 -23.35 -3.90
C ILE C 68 -2.35 -24.77 -3.73
N VAL C 69 -1.94 -25.11 -2.50
CA VAL C 69 -1.51 -26.46 -2.15
C VAL C 69 -2.35 -26.94 -0.98
N ILE C 70 -3.15 -27.97 -1.21
CA ILE C 70 -3.99 -28.56 -0.17
C ILE C 70 -3.33 -29.85 0.27
N ILE C 71 -2.88 -29.88 1.53
CA ILE C 71 -2.08 -30.99 2.05
C ILE C 71 -2.80 -31.57 3.25
N ASP C 72 -3.13 -32.86 3.18
CA ASP C 72 -3.64 -33.58 4.34
C ASP C 72 -2.49 -33.87 5.29
N VAL C 73 -2.75 -33.70 6.59
CA VAL C 73 -1.69 -33.82 7.58
C VAL C 73 -1.20 -35.27 7.70
N ASP C 74 -2.08 -36.24 7.43
CA ASP C 74 -1.77 -37.65 7.62
C ASP C 74 -1.23 -38.33 6.37
N ILE C 75 -0.62 -37.58 5.45
CA ILE C 75 -0.03 -38.18 4.26
C ILE C 75 1.16 -39.04 4.69
N PRO C 76 1.44 -40.14 3.99
CA PRO C 76 2.55 -41.01 4.38
C PRO C 76 3.88 -40.53 3.81
N GLY C 77 4.96 -41.17 4.29
CA GLY C 77 6.29 -40.84 3.84
C GLY C 77 6.89 -39.63 4.50
N VAL C 78 6.24 -38.48 4.32
CA VAL C 78 6.64 -37.22 4.95
C VAL C 78 5.38 -36.52 5.42
N ASN C 79 5.31 -36.20 6.72
CA ASN C 79 4.12 -35.59 7.28
C ASN C 79 3.77 -34.30 6.55
N GLY C 80 2.48 -33.97 6.55
CA GLY C 80 2.04 -32.76 5.89
C GLY C 80 2.66 -31.51 6.48
N ILE C 81 2.92 -31.51 7.80
CA ILE C 81 3.54 -30.35 8.42
C ILE C 81 5.02 -30.29 8.07
N GLN C 82 5.65 -31.44 7.82
CA GLN C 82 7.05 -31.43 7.42
C GLN C 82 7.22 -30.88 6.01
N VAL C 83 6.31 -31.26 5.10
CA VAL C 83 6.32 -30.67 3.75
C VAL C 83 6.19 -29.16 3.85
N LEU C 84 5.24 -28.68 4.68
CA LEU C 84 5.04 -27.25 4.84
C LEU C 84 6.29 -26.57 5.38
N GLU C 85 6.88 -27.14 6.44
CA GLU C 85 8.09 -26.56 7.01
C GLU C 85 9.25 -26.58 6.02
N THR C 86 9.37 -27.67 5.27
CA THR C 86 10.43 -27.73 4.26
C THR C 86 10.20 -26.70 3.15
N LEU C 87 8.95 -26.54 2.72
CA LEU C 87 8.65 -25.58 1.67
C LEU C 87 8.93 -24.15 2.11
N ARG C 88 8.53 -23.80 3.34
CA ARG C 88 8.77 -22.45 3.83
C ARG C 88 10.25 -22.22 4.14
N LYS C 89 10.96 -23.26 4.59
CA LYS C 89 12.41 -23.14 4.76
C LYS C 89 13.09 -22.89 3.42
N ARG C 90 12.51 -23.41 2.33
CA ARG C 90 13.05 -23.25 0.99
C ARG C 90 12.39 -22.10 0.23
N GLN C 91 11.78 -21.16 0.95
CA GLN C 91 11.29 -19.87 0.45
C GLN C 91 10.07 -19.97 -0.45
N TYR C 92 9.36 -21.11 -0.45
CA TYR C 92 8.07 -21.16 -1.12
C TYR C 92 7.14 -20.13 -0.49
N SER C 93 6.63 -19.21 -1.33
CA SER C 93 5.88 -18.05 -0.87
C SER C 93 4.40 -18.12 -1.22
N GLY C 94 3.91 -19.27 -1.68
CA GLY C 94 2.54 -19.40 -2.14
C GLY C 94 1.61 -20.04 -1.12
N ILE C 95 0.32 -19.99 -1.45
CA ILE C 95 -0.72 -20.44 -0.52
C ILE C 95 -0.61 -21.93 -0.27
N ILE C 96 -0.62 -22.31 1.02
CA ILE C 96 -0.66 -23.70 1.43
C ILE C 96 -1.69 -23.83 2.54
N ILE C 97 -2.67 -24.71 2.35
CA ILE C 97 -3.75 -24.91 3.32
C ILE C 97 -3.73 -26.37 3.74
N ILE C 98 -3.62 -26.61 5.04
CA ILE C 98 -3.61 -27.95 5.60
C ILE C 98 -5.05 -28.40 5.85
N VAL C 99 -5.34 -29.66 5.53
CA VAL C 99 -6.63 -30.27 5.83
C VAL C 99 -6.40 -31.51 6.68
N SER C 100 -7.48 -31.98 7.30
CA SER C 100 -7.40 -33.14 8.18
C SER C 100 -8.75 -33.84 8.24
N ALA C 101 -8.72 -35.16 8.26
CA ALA C 101 -9.93 -35.96 8.36
C ALA C 101 -10.47 -36.06 9.78
N LYS C 102 -9.75 -35.52 10.77
CA LYS C 102 -10.22 -35.44 12.14
C LYS C 102 -10.45 -33.96 12.49
N ASN C 103 -10.86 -33.71 13.73
CA ASN C 103 -11.14 -32.34 14.15
C ASN C 103 -9.85 -31.54 14.30
N ASP C 104 -9.03 -31.88 15.30
CA ASP C 104 -7.67 -31.37 15.42
C ASP C 104 -7.62 -29.84 15.51
N HIS C 105 -8.44 -29.29 16.41
CA HIS C 105 -8.39 -27.85 16.63
C HIS C 105 -7.10 -27.45 17.34
N PHE C 106 -6.51 -28.36 18.12
CA PHE C 106 -5.20 -28.10 18.70
C PHE C 106 -4.10 -28.12 17.65
N TYR C 107 -4.26 -28.95 16.61
CA TYR C 107 -3.30 -29.01 15.52
C TYR C 107 -3.30 -27.75 14.67
N GLY C 108 -4.27 -26.87 14.84
CA GLY C 108 -4.33 -25.66 14.03
C GLY C 108 -3.20 -24.69 14.34
N LYS C 109 -2.90 -24.49 15.63
CA LYS C 109 -1.85 -23.54 15.99
C LYS C 109 -0.50 -23.98 15.45
N HIS C 110 -0.20 -25.26 15.54
CA HIS C 110 1.10 -25.74 15.08
C HIS C 110 1.24 -25.64 13.56
N CYS C 111 0.12 -25.67 12.84
CA CYS C 111 0.17 -25.42 11.41
C CYS C 111 0.34 -23.94 11.10
N ALA C 112 -0.27 -23.07 11.93
CA ALA C 112 -0.09 -21.63 11.76
C ALA C 112 1.36 -21.23 12.02
N ASP C 113 1.92 -21.70 13.13
CA ASP C 113 3.30 -21.35 13.49
C ASP C 113 4.30 -21.86 12.47
N ALA C 114 3.92 -22.83 11.64
CA ALA C 114 4.81 -23.36 10.61
C ALA C 114 4.64 -22.66 9.27
N GLY C 115 3.71 -21.70 9.16
CA GLY C 115 3.59 -20.87 7.97
C GLY C 115 2.40 -21.17 7.08
N ALA C 116 1.50 -22.07 7.48
CA ALA C 116 0.36 -22.38 6.64
C ALA C 116 -0.58 -21.18 6.55
N ASN C 117 -1.37 -21.15 5.47
CA ASN C 117 -2.40 -20.15 5.29
C ASN C 117 -3.75 -20.58 5.86
N GLY C 118 -3.79 -21.67 6.59
CA GLY C 118 -5.03 -22.14 7.18
C GLY C 118 -4.97 -23.60 7.52
N PHE C 119 -5.90 -24.01 8.37
CA PHE C 119 -6.08 -25.42 8.74
C PHE C 119 -7.57 -25.70 8.76
N VAL C 120 -8.02 -26.64 7.94
CA VAL C 120 -9.44 -26.90 7.74
C VAL C 120 -9.71 -28.37 8.04
N SER C 121 -10.72 -28.61 8.87
CA SER C 121 -11.13 -29.97 9.21
C SER C 121 -12.13 -30.46 8.16
N LYS C 122 -11.74 -31.49 7.41
CA LYS C 122 -12.64 -32.10 6.44
C LYS C 122 -13.87 -32.69 7.11
N LYS C 123 -13.81 -32.94 8.42
CA LYS C 123 -14.96 -33.45 9.15
C LYS C 123 -16.10 -32.45 9.16
N GLU C 124 -15.79 -31.15 9.13
CA GLU C 124 -16.79 -30.09 9.22
C GLU C 124 -17.15 -29.54 7.84
N GLY C 125 -17.42 -30.43 6.89
CA GLY C 125 -17.90 -30.03 5.58
C GLY C 125 -16.84 -29.45 4.66
N MET C 126 -17.05 -29.61 3.35
CA MET C 126 -16.13 -29.07 2.36
C MET C 126 -16.25 -27.56 2.20
N ASN C 127 -17.30 -26.95 2.77
CA ASN C 127 -17.51 -25.51 2.60
C ASN C 127 -16.36 -24.69 3.17
N ASN C 128 -15.65 -25.23 4.15
CA ASN C 128 -14.57 -24.48 4.78
C ASN C 128 -13.32 -24.43 3.92
N ILE C 129 -13.12 -25.41 3.03
CA ILE C 129 -11.93 -25.42 2.19
C ILE C 129 -11.98 -24.27 1.18
N ILE C 130 -13.16 -24.03 0.60
CA ILE C 130 -13.29 -22.89 -0.31
C ILE C 130 -13.29 -21.58 0.45
N ALA C 131 -13.86 -21.58 1.67
CA ALA C 131 -13.79 -20.38 2.50
C ALA C 131 -12.35 -20.06 2.90
N ALA C 132 -11.54 -21.10 3.13
CA ALA C 132 -10.13 -20.89 3.42
C ALA C 132 -9.36 -20.45 2.18
N ILE C 133 -9.76 -20.95 1.00
CA ILE C 133 -9.15 -20.49 -0.23
C ILE C 133 -9.54 -19.03 -0.50
N GLU C 134 -10.83 -18.70 -0.30
CA GLU C 134 -11.25 -17.31 -0.33
C GLU C 134 -10.46 -16.48 0.67
N ALA C 135 -10.15 -17.05 1.83
CA ALA C 135 -9.38 -16.35 2.85
C ALA C 135 -7.96 -16.06 2.36
N ALA C 136 -7.22 -17.12 2.02
CA ALA C 136 -5.81 -16.97 1.67
C ALA C 136 -5.62 -16.09 0.45
N LYS C 137 -6.59 -16.08 -0.47
CA LYS C 137 -6.48 -15.22 -1.64
C LYS C 137 -6.43 -13.74 -1.24
N ASN C 138 -7.27 -13.33 -0.28
CA ASN C 138 -7.33 -11.94 0.15
C ASN C 138 -6.20 -11.56 1.09
N GLY C 139 -5.26 -12.47 1.36
CA GLY C 139 -4.15 -12.16 2.23
C GLY C 139 -4.35 -12.51 3.69
N TYR C 140 -5.44 -13.19 4.02
CA TYR C 140 -5.72 -13.63 5.38
C TYR C 140 -5.52 -15.13 5.49
N CYS C 141 -5.82 -15.68 6.68
CA CYS C 141 -5.66 -17.10 6.92
C CYS C 141 -6.82 -17.61 7.74
N TYR C 142 -7.21 -18.87 7.47
CA TYR C 142 -8.46 -19.46 7.94
C TYR C 142 -8.12 -20.62 8.88
N PHE C 143 -7.97 -20.31 10.17
CA PHE C 143 -7.63 -21.32 11.17
C PHE C 143 -8.78 -21.52 12.16
N PRO C 144 -8.87 -22.69 12.78
CA PRO C 144 -9.93 -22.90 13.77
C PRO C 144 -9.74 -22.02 14.99
N PHE C 145 -10.85 -21.78 15.68
CA PHE C 145 -10.82 -21.04 16.94
C PHE C 145 -10.92 -22.02 18.10
N SER C 146 -10.01 -21.90 19.04
CA SER C 146 -10.04 -22.66 20.30
C SER C 146 -10.36 -21.67 21.41
N LEU C 147 -11.65 -21.50 21.71
CA LEU C 147 -12.06 -20.64 22.81
C LEU C 147 -11.50 -21.13 24.14
N ASN C 148 -11.13 -22.41 24.25
CA ASN C 148 -10.54 -22.92 25.48
C ASN C 148 -9.20 -22.28 25.79
N ARG C 149 -8.50 -21.74 24.78
CA ARG C 149 -7.21 -21.10 25.03
C ARG C 149 -7.34 -19.82 25.85
N PHE C 150 -8.52 -19.21 25.88
CA PHE C 150 -8.70 -17.88 26.44
C PHE C 150 -9.76 -17.81 27.53
N VAL C 151 -10.78 -18.66 27.49
CA VAL C 151 -11.93 -18.57 28.39
C VAL C 151 -12.25 -19.96 28.94
N GLY C 152 -12.55 -20.01 30.22
CA GLY C 152 -12.96 -21.23 30.88
C GLY C 152 -11.92 -21.74 31.85
N SER C 153 -12.04 -23.02 32.17
CA SER C 153 -11.11 -23.69 33.07
C SER C 153 -10.16 -24.65 32.38
N LEU C 154 -10.30 -24.86 31.07
CA LEU C 154 -9.38 -25.72 30.35
C LEU C 154 -8.23 -24.94 29.72
N THR C 155 -7.94 -23.74 30.24
CA THR C 155 -6.91 -22.90 29.65
C THR C 155 -5.52 -23.47 29.89
N SER C 156 -5.28 -24.03 31.07
CA SER C 156 -3.99 -24.66 31.34
C SER C 156 -3.79 -25.89 30.46
N ASP C 157 -4.83 -26.72 30.35
CA ASP C 157 -4.76 -27.91 29.51
C ASP C 157 -4.52 -27.54 28.05
N GLN C 158 -5.07 -26.41 27.59
CA GLN C 158 -4.87 -26.00 26.20
C GLN C 158 -3.45 -25.51 25.98
N GLN C 159 -2.87 -24.83 26.98
CA GLN C 159 -1.50 -24.34 26.84
C GLN C 159 -0.52 -25.49 26.68
N LYS C 160 -0.76 -26.59 27.38
CA LYS C 160 0.10 -27.77 27.21
C LYS C 160 -0.08 -28.38 25.83
N LEU C 161 -1.24 -28.20 25.21
CA LEU C 161 -1.46 -28.64 23.84
C LEU C 161 -0.82 -27.72 22.82
N ASP C 162 -0.44 -26.50 23.22
CA ASP C 162 0.29 -25.59 22.36
C ASP C 162 1.80 -25.73 22.48
N SER C 163 2.28 -26.55 23.40
CA SER C 163 3.71 -26.65 23.68
C SER C 163 4.38 -27.86 23.04
N LEU C 164 3.62 -28.82 22.52
CA LEU C 164 4.24 -29.97 21.90
C LEU C 164 4.95 -29.57 20.61
N SER C 165 5.77 -30.49 20.12
CA SER C 165 6.41 -30.36 18.82
C SER C 165 5.58 -31.11 17.78
N LYS C 166 5.92 -30.88 16.50
CA LYS C 166 5.19 -31.53 15.42
C LYS C 166 5.28 -33.05 15.52
N GLN C 167 6.33 -33.56 16.16
CA GLN C 167 6.55 -35.00 16.25
C GLN C 167 5.87 -35.58 17.48
N GLU C 168 5.94 -34.87 18.60
CA GLU C 168 5.22 -35.28 19.80
C GLU C 168 3.73 -35.36 19.55
N ILE C 169 3.21 -34.43 18.73
CA ILE C 169 1.78 -34.44 18.39
C ILE C 169 1.43 -35.70 17.60
N SER C 170 2.21 -35.98 16.56
CA SER C 170 1.98 -37.20 15.79
C SER C 170 2.00 -38.43 16.69
N VAL C 171 3.04 -38.54 17.53
CA VAL C 171 3.09 -39.63 18.52
C VAL C 171 1.81 -39.68 19.33
N MET C 172 1.27 -38.51 19.70
CA MET C 172 0.01 -38.48 20.44
C MET C 172 -1.15 -39.00 19.59
N ARG C 173 -1.29 -38.47 18.37
CA ARG C 173 -2.39 -38.88 17.50
C ARG C 173 -2.26 -40.33 17.04
N TYR C 174 -1.06 -40.91 17.10
CA TYR C 174 -0.91 -42.34 16.84
C TYR C 174 -1.24 -43.16 18.07
N ILE C 175 -0.87 -42.68 19.26
CA ILE C 175 -1.15 -43.39 20.49
C ILE C 175 -2.66 -43.45 20.75
N LEU C 176 -3.34 -42.31 20.61
CA LEU C 176 -4.78 -42.25 20.78
C LEU C 176 -5.53 -42.98 19.68
N ASP C 177 -4.83 -43.54 18.70
CA ASP C 177 -5.41 -44.38 17.67
C ASP C 177 -5.16 -45.86 17.92
N GLY C 178 -4.37 -46.20 18.94
CA GLY C 178 -4.00 -47.57 19.19
C GLY C 178 -2.95 -48.06 18.24
N LYS C 179 -1.74 -47.51 18.35
CA LYS C 179 -0.61 -47.90 17.52
C LYS C 179 0.60 -48.12 18.43
N ASP C 180 1.31 -49.22 18.20
CA ASP C 180 2.45 -49.59 19.03
C ASP C 180 3.72 -48.92 18.53
N ASN C 181 4.82 -49.14 19.25
CA ASN C 181 6.07 -48.46 18.92
C ASN C 181 6.63 -48.92 17.58
N ASN C 182 6.55 -50.22 17.30
CA ASN C 182 7.06 -50.73 16.03
C ASN C 182 6.23 -50.27 14.85
N ASP C 183 4.97 -49.88 15.08
CA ASP C 183 4.19 -49.24 14.03
C ASP C 183 4.58 -47.77 13.88
N ILE C 184 4.68 -47.05 15.00
CA ILE C 184 5.13 -45.66 14.95
C ILE C 184 6.53 -45.58 14.38
N ALA C 185 7.40 -46.53 14.75
CA ALA C 185 8.76 -46.55 14.22
C ALA C 185 8.76 -46.68 12.70
N GLU C 186 7.87 -47.52 12.15
CA GLU C 186 7.83 -47.70 10.70
C GLU C 186 7.23 -46.49 10.00
N LYS C 187 6.21 -45.89 10.58
CA LYS C 187 5.52 -44.78 9.90
C LYS C 187 6.32 -43.49 9.98
N MET C 188 6.96 -43.22 11.11
CA MET C 188 7.71 -41.99 11.30
C MET C 188 9.15 -42.08 10.82
N PHE C 189 9.58 -43.24 10.32
CA PHE C 189 10.93 -43.43 9.79
C PHE C 189 11.98 -43.06 10.83
N ILE C 190 11.71 -43.40 12.09
CA ILE C 190 12.63 -43.15 13.20
C ILE C 190 12.86 -44.47 13.93
N SER C 191 13.65 -44.40 14.99
CA SER C 191 14.04 -45.58 15.73
C SER C 191 13.05 -45.87 16.86
N ASN C 192 13.12 -47.10 17.37
CA ASN C 192 12.26 -47.50 18.47
C ASN C 192 12.56 -46.68 19.73
N LYS C 193 13.84 -46.53 20.06
CA LYS C 193 14.23 -45.71 21.20
C LYS C 193 13.88 -44.24 20.98
N THR C 194 13.97 -43.76 19.74
CA THR C 194 13.54 -42.40 19.45
C THR C 194 12.07 -42.22 19.76
N VAL C 195 11.26 -43.27 19.55
CA VAL C 195 9.84 -43.20 19.86
C VAL C 195 9.62 -43.00 21.35
N SER C 196 10.29 -43.79 22.18
CA SER C 196 10.10 -43.71 23.62
C SER C 196 10.54 -42.36 24.16
N THR C 197 11.53 -41.74 23.52
CA THR C 197 11.95 -40.41 23.93
C THR C 197 10.91 -39.35 23.55
N TYR C 198 10.20 -39.55 22.44
CA TYR C 198 9.10 -38.66 22.09
C TYR C 198 7.90 -38.90 23.01
N LYS C 199 7.54 -40.17 23.20
CA LYS C 199 6.43 -40.51 24.09
C LYS C 199 6.62 -39.92 25.47
N SER C 200 7.83 -40.05 26.02
CA SER C 200 8.12 -39.53 27.35
C SER C 200 7.85 -38.04 27.43
N ARG C 201 8.51 -37.24 26.58
CA ARG C 201 8.32 -35.79 26.60
C ARG C 201 6.86 -35.41 26.40
N LEU C 202 6.11 -36.21 25.64
CA LEU C 202 4.68 -35.96 25.48
C LEU C 202 3.95 -36.12 26.81
N MET C 203 4.25 -37.21 27.54
CA MET C 203 3.60 -37.44 28.83
C MET C 203 3.98 -36.37 29.86
N GLU C 204 5.16 -35.76 29.71
CA GLU C 204 5.59 -34.75 30.68
C GLU C 204 4.99 -33.39 30.39
N LYS C 205 4.71 -33.07 29.12
CA LYS C 205 4.15 -31.77 28.78
C LYS C 205 2.66 -31.69 29.10
N LEU C 206 1.92 -32.75 28.81
CA LEU C 206 0.50 -32.81 29.14
C LEU C 206 0.25 -33.29 30.56
N GLU C 207 1.31 -33.46 31.35
CA GLU C 207 1.23 -33.90 32.75
C GLU C 207 0.35 -35.14 32.89
N CYS C 208 0.83 -36.23 32.29
CA CYS C 208 0.10 -37.50 32.26
C CYS C 208 1.06 -38.62 32.61
N LYS C 209 0.77 -39.34 33.70
CA LYS C 209 1.62 -40.45 34.10
C LYS C 209 1.30 -41.71 33.29
N SER C 210 0.05 -42.16 33.36
CA SER C 210 -0.35 -43.44 32.78
C SER C 210 -0.97 -43.25 31.39
N LEU C 211 -1.19 -44.39 30.74
CA LEU C 211 -1.93 -44.41 29.48
C LEU C 211 -3.34 -43.86 29.67
N MET C 212 -3.99 -44.23 30.76
CA MET C 212 -5.36 -43.77 31.02
C MET C 212 -5.41 -42.26 31.23
N ASP C 213 -4.35 -41.67 31.81
CA ASP C 213 -4.32 -40.23 31.99
C ASP C 213 -4.35 -39.50 30.66
N LEU C 214 -3.77 -40.09 29.61
CA LEU C 214 -3.72 -39.42 28.32
C LEU C 214 -5.10 -39.45 27.65
N TYR C 215 -5.80 -40.57 27.72
CA TYR C 215 -7.15 -40.63 27.15
C TYR C 215 -8.10 -39.70 27.89
N THR C 216 -7.96 -39.61 29.21
CA THR C 216 -8.76 -38.65 29.97
C THR C 216 -8.47 -37.23 29.49
N PHE C 217 -7.21 -36.93 29.16
CA PHE C 217 -6.86 -35.61 28.66
C PHE C 217 -7.47 -35.36 27.28
N ALA C 218 -7.53 -36.40 26.44
CA ALA C 218 -8.12 -36.25 25.12
C ALA C 218 -9.63 -36.09 25.21
N GLN C 219 -10.28 -36.84 26.11
CA GLN C 219 -11.71 -36.71 26.29
C GLN C 219 -12.08 -35.35 26.89
N ARG C 220 -11.28 -34.86 27.84
CA ARG C 220 -11.56 -33.59 28.50
C ARG C 220 -11.31 -32.41 27.58
N ASN C 221 -10.41 -32.55 26.61
CA ASN C 221 -10.17 -31.51 25.63
C ASN C 221 -10.82 -31.81 24.29
N LYS C 222 -11.58 -32.91 24.19
CA LYS C 222 -12.31 -33.26 22.98
C LYS C 222 -11.37 -33.55 21.80
N ILE C 223 -10.45 -34.49 21.99
CA ILE C 223 -9.55 -34.90 20.91
C ILE C 223 -9.83 -36.35 20.53
N GLY D 20 -31.44 -15.07 11.72
CA GLY D 20 -30.82 -13.77 11.85
C GLY D 20 -29.84 -13.67 13.00
N MET D 21 -29.01 -12.63 12.98
CA MET D 21 -27.99 -12.39 13.99
C MET D 21 -28.06 -10.94 14.45
N ASN D 22 -27.13 -10.57 15.34
CA ASN D 22 -27.02 -9.20 15.81
C ASN D 22 -25.56 -8.90 16.14
N ALA D 23 -25.27 -7.63 16.40
CA ALA D 23 -23.90 -7.20 16.66
C ALA D 23 -23.91 -5.81 17.29
N ILE D 24 -22.74 -5.42 17.81
CA ILE D 24 -22.46 -4.03 18.19
C ILE D 24 -21.31 -3.53 17.35
N ILE D 25 -21.42 -2.28 16.93
CA ILE D 25 -20.36 -1.59 16.21
C ILE D 25 -19.71 -0.61 17.18
N ILE D 26 -18.40 -0.77 17.39
CA ILE D 26 -17.64 0.08 18.30
C ILE D 26 -16.52 0.70 17.46
N ASP D 27 -16.75 1.92 16.98
CA ASP D 27 -15.80 2.60 16.12
C ASP D 27 -16.03 4.10 16.22
N ASP D 28 -14.94 4.86 16.01
CA ASP D 28 -14.99 6.31 16.05
C ASP D 28 -15.07 6.94 14.67
N HIS D 29 -14.64 6.24 13.64
CA HIS D 29 -14.57 6.80 12.28
C HIS D 29 -15.96 6.88 11.66
N PRO D 30 -16.52 8.08 11.52
CA PRO D 30 -17.90 8.21 11.03
C PRO D 30 -18.10 7.66 9.64
N LEU D 31 -17.06 7.68 8.79
CA LEU D 31 -17.17 7.10 7.47
C LEU D 31 -17.15 5.57 7.53
N ALA D 32 -16.58 5.00 8.58
CA ALA D 32 -16.59 3.55 8.73
C ALA D 32 -17.92 3.05 9.27
N ILE D 33 -18.37 3.60 10.40
CA ILE D 33 -19.60 3.17 11.05
C ILE D 33 -20.75 3.10 10.06
N ALA D 34 -20.85 4.11 9.19
CA ALA D 34 -21.88 4.11 8.15
C ALA D 34 -21.76 2.88 7.28
N ALA D 35 -20.53 2.54 6.87
CA ALA D 35 -20.32 1.46 5.92
C ALA D 35 -20.38 0.09 6.60
N ILE D 36 -19.97 -0.01 7.87
CA ILE D 36 -20.16 -1.25 8.62
C ILE D 36 -21.65 -1.52 8.79
N ARG D 37 -22.41 -0.49 9.18
CA ARG D 37 -23.86 -0.63 9.32
C ARG D 37 -24.50 -1.11 8.03
N ASN D 38 -24.08 -0.52 6.90
CA ASN D 38 -24.62 -0.93 5.61
C ASN D 38 -24.34 -2.40 5.33
N LEU D 39 -23.10 -2.83 5.55
CA LEU D 39 -22.76 -4.23 5.27
C LEU D 39 -23.51 -5.18 6.19
N LEU D 40 -23.66 -4.82 7.47
CA LEU D 40 -24.37 -5.70 8.39
C LEU D 40 -25.88 -5.68 8.12
N ILE D 41 -26.42 -4.53 7.73
CA ILE D 41 -27.82 -4.47 7.34
C ILE D 41 -28.04 -5.22 6.04
N LYS D 42 -27.18 -4.99 5.04
CA LYS D 42 -27.27 -5.69 3.77
C LYS D 42 -26.96 -7.18 3.89
N ASN D 43 -26.65 -7.69 5.08
CA ASN D 43 -26.47 -9.11 5.32
C ASN D 43 -27.46 -9.64 6.37
N ASP D 44 -28.53 -8.88 6.64
CA ASP D 44 -29.57 -9.26 7.58
C ASP D 44 -28.99 -9.56 8.96
N ILE D 45 -28.16 -8.63 9.45
CA ILE D 45 -27.66 -8.64 10.82
C ILE D 45 -28.14 -7.39 11.51
N GLU D 46 -28.64 -7.55 12.73
CA GLU D 46 -29.28 -6.47 13.47
C GLU D 46 -28.25 -5.69 14.28
N ILE D 47 -28.20 -4.38 14.07
CA ILE D 47 -27.30 -3.52 14.85
C ILE D 47 -27.97 -3.24 16.18
N LEU D 48 -27.32 -3.67 17.27
CA LEU D 48 -27.87 -3.49 18.61
C LEU D 48 -27.45 -2.18 19.25
N ALA D 49 -26.28 -1.65 18.87
CA ALA D 49 -25.78 -0.41 19.44
C ALA D 49 -24.60 0.05 18.60
N GLU D 50 -24.27 1.34 18.74
CA GLU D 50 -23.11 1.92 18.07
C GLU D 50 -22.39 2.81 19.07
N LEU D 51 -21.19 2.41 19.47
CA LEU D 51 -20.41 3.08 20.50
C LEU D 51 -19.19 3.74 19.86
N THR D 52 -18.94 4.99 20.23
CA THR D 52 -17.76 5.72 19.79
C THR D 52 -16.69 5.80 20.85
N GLU D 53 -16.90 5.18 22.01
CA GLU D 53 -16.00 5.25 23.14
C GLU D 53 -15.54 3.84 23.53
N GLY D 54 -14.74 3.76 24.58
CA GLY D 54 -14.23 2.49 25.05
C GLY D 54 -14.48 2.22 26.52
N GLY D 55 -14.74 3.28 27.28
CA GLY D 55 -14.94 3.13 28.71
C GLY D 55 -16.17 2.34 29.10
N SER D 56 -17.15 2.24 28.20
CA SER D 56 -18.38 1.51 28.47
C SER D 56 -18.51 0.24 27.64
N ALA D 57 -17.54 -0.07 26.80
CA ALA D 57 -17.68 -1.18 25.86
C ALA D 57 -17.86 -2.51 26.59
N VAL D 58 -17.03 -2.78 27.59
CA VAL D 58 -17.09 -4.07 28.28
C VAL D 58 -18.43 -4.26 28.98
N GLN D 59 -19.02 -3.18 29.50
CA GLN D 59 -20.29 -3.31 30.21
C GLN D 59 -21.46 -3.49 29.24
N ARG D 60 -21.50 -2.68 28.17
CA ARG D 60 -22.62 -2.76 27.24
C ARG D 60 -22.60 -4.08 26.47
N VAL D 61 -21.41 -4.59 26.14
CA VAL D 61 -21.30 -5.88 25.48
C VAL D 61 -21.79 -7.00 26.40
N GLU D 62 -21.38 -6.97 27.67
CA GLU D 62 -21.80 -8.00 28.60
C GLU D 62 -23.28 -7.92 28.93
N THR D 63 -23.92 -6.78 28.67
CA THR D 63 -25.35 -6.66 28.91
C THR D 63 -26.15 -7.15 27.71
N LEU D 64 -25.89 -6.56 26.54
CA LEU D 64 -26.65 -6.92 25.34
C LEU D 64 -26.34 -8.33 24.85
N LYS D 65 -25.24 -8.94 25.30
CA LYS D 65 -24.81 -10.30 24.95
C LYS D 65 -24.95 -10.57 23.45
N PRO D 66 -24.24 -9.82 22.60
CA PRO D 66 -24.49 -9.89 21.16
C PRO D 66 -23.73 -11.03 20.52
N ASP D 67 -24.24 -11.47 19.39
CA ASP D 67 -23.60 -12.55 18.66
C ASP D 67 -22.25 -12.13 18.12
N ILE D 68 -22.09 -10.86 17.74
CA ILE D 68 -20.87 -10.36 17.13
C ILE D 68 -20.53 -9.01 17.75
N VAL D 69 -19.23 -8.74 17.93
CA VAL D 69 -18.76 -7.43 18.34
C VAL D 69 -17.68 -7.00 17.34
N ILE D 70 -17.72 -5.74 16.94
CA ILE D 70 -16.74 -5.16 16.02
C ILE D 70 -16.09 -3.97 16.70
N ILE D 71 -14.79 -4.08 16.96
CA ILE D 71 -14.05 -3.10 17.75
C ILE D 71 -12.91 -2.55 16.90
N ASP D 72 -12.77 -1.23 16.91
CA ASP D 72 -11.67 -0.55 16.24
C ASP D 72 -10.51 -0.41 17.22
N VAL D 73 -9.30 -0.74 16.77
CA VAL D 73 -8.14 -0.76 17.66
C VAL D 73 -7.86 0.61 18.27
N ASP D 74 -8.46 1.67 17.71
CA ASP D 74 -8.12 3.04 18.10
C ASP D 74 -9.32 3.81 18.62
N ILE D 75 -10.23 3.13 19.31
CA ILE D 75 -11.34 3.80 19.97
C ILE D 75 -10.77 4.59 21.14
N PRO D 76 -11.31 5.77 21.43
CA PRO D 76 -10.76 6.59 22.51
C PRO D 76 -11.05 5.97 23.87
N GLY D 77 -10.42 6.55 24.90
CA GLY D 77 -10.60 6.08 26.26
C GLY D 77 -9.89 4.75 26.52
N VAL D 78 -10.51 3.66 26.10
CA VAL D 78 -9.97 2.31 26.25
C VAL D 78 -9.87 1.71 24.86
N ASN D 79 -8.67 1.25 24.49
CA ASN D 79 -8.44 0.86 23.11
C ASN D 79 -9.05 -0.52 22.85
N GLY D 80 -8.98 -0.95 21.59
CA GLY D 80 -9.69 -2.17 21.20
C GLY D 80 -9.12 -3.42 21.81
N ILE D 81 -7.80 -3.60 21.72
CA ILE D 81 -7.17 -4.80 22.27
C ILE D 81 -7.32 -4.85 23.79
N GLN D 82 -7.55 -3.72 24.45
CA GLN D 82 -7.84 -3.73 25.87
C GLN D 82 -9.25 -4.25 26.14
N VAL D 83 -10.24 -3.71 25.42
CA VAL D 83 -11.62 -4.16 25.57
C VAL D 83 -11.72 -5.67 25.33
N LEU D 84 -11.11 -6.13 24.24
CA LEU D 84 -11.09 -7.56 23.93
C LEU D 84 -10.52 -8.37 25.08
N GLU D 85 -9.36 -7.96 25.60
CA GLU D 85 -8.70 -8.72 26.65
C GLU D 85 -9.54 -8.74 27.92
N THR D 86 -10.15 -7.61 28.27
CA THR D 86 -10.98 -7.56 29.46
C THR D 86 -12.19 -8.48 29.33
N LEU D 87 -12.82 -8.49 28.15
CA LEU D 87 -14.00 -9.34 27.95
C LEU D 87 -13.64 -10.82 28.07
N ARG D 88 -12.54 -11.23 27.43
CA ARG D 88 -12.10 -12.62 27.57
C ARG D 88 -11.60 -12.91 28.97
N LYS D 89 -11.03 -11.90 29.66
CA LYS D 89 -10.71 -12.07 31.08
C LYS D 89 -11.95 -12.35 31.89
N ARG D 90 -13.03 -11.61 31.64
CA ARG D 90 -14.31 -11.78 32.33
C ARG D 90 -15.20 -12.82 31.67
N GLN D 91 -14.59 -13.78 30.97
CA GLN D 91 -15.24 -15.00 30.48
C GLN D 91 -16.35 -14.72 29.46
N TYR D 92 -16.27 -13.60 28.73
CA TYR D 92 -17.19 -13.36 27.64
C TYR D 92 -16.86 -14.28 26.48
N SER D 93 -17.84 -15.06 26.03
CA SER D 93 -17.61 -16.13 25.07
C SER D 93 -18.09 -15.81 23.66
N GLY D 94 -18.58 -14.59 23.42
CA GLY D 94 -19.14 -14.23 22.13
C GLY D 94 -18.07 -13.98 21.07
N ILE D 95 -18.55 -13.56 19.89
CA ILE D 95 -17.68 -13.27 18.75
C ILE D 95 -17.22 -11.83 18.83
N ILE D 96 -15.94 -11.61 18.51
CA ILE D 96 -15.33 -10.28 18.48
C ILE D 96 -14.38 -10.21 17.29
N ILE D 97 -14.65 -9.31 16.37
CA ILE D 97 -13.80 -9.07 15.21
C ILE D 97 -13.17 -7.69 15.35
N ILE D 98 -11.86 -7.64 15.45
CA ILE D 98 -11.14 -6.38 15.61
C ILE D 98 -10.84 -5.79 14.24
N VAL D 99 -11.16 -4.51 14.07
CA VAL D 99 -10.91 -3.80 12.83
C VAL D 99 -9.93 -2.65 13.09
N SER D 100 -9.36 -2.13 12.01
CA SER D 100 -8.34 -1.10 12.13
C SER D 100 -8.35 -0.21 10.90
N ALA D 101 -7.90 1.04 11.09
CA ALA D 101 -7.85 1.98 9.98
C ALA D 101 -6.56 1.85 9.18
N LYS D 102 -5.48 1.41 9.82
CA LYS D 102 -4.23 1.15 9.13
C LYS D 102 -4.19 -0.29 8.65
N ASN D 103 -3.13 -0.63 7.91
CA ASN D 103 -2.94 -2.03 7.51
C ASN D 103 -2.71 -2.90 8.73
N ASP D 104 -1.71 -2.55 9.55
CA ASP D 104 -1.51 -3.13 10.89
C ASP D 104 -1.49 -4.65 10.86
N HIS D 105 -0.71 -5.20 9.90
CA HIS D 105 -0.63 -6.66 9.79
C HIS D 105 0.03 -7.27 11.02
N PHE D 106 1.08 -6.63 11.54
CA PHE D 106 1.73 -7.10 12.76
C PHE D 106 0.78 -7.09 13.95
N TYR D 107 -0.27 -6.28 13.91
CA TYR D 107 -1.19 -6.14 15.04
C TYR D 107 -2.09 -7.36 15.21
N GLY D 108 -2.41 -8.05 14.12
CA GLY D 108 -3.38 -9.14 14.21
C GLY D 108 -2.90 -10.27 15.09
N LYS D 109 -1.62 -10.66 14.94
CA LYS D 109 -1.08 -11.76 15.74
C LYS D 109 -1.22 -11.47 17.24
N HIS D 110 -1.15 -10.20 17.64
CA HIS D 110 -1.34 -9.86 19.04
C HIS D 110 -2.82 -9.94 19.42
N CYS D 111 -3.71 -9.51 18.53
CA CYS D 111 -5.14 -9.67 18.79
C CYS D 111 -5.54 -11.13 18.82
N ALA D 112 -4.95 -11.95 17.95
CA ALA D 112 -5.26 -13.38 17.93
C ALA D 112 -4.88 -14.04 19.26
N ASP D 113 -3.67 -13.74 19.75
CA ASP D 113 -3.22 -14.31 21.01
C ASP D 113 -3.94 -13.72 22.21
N ALA D 114 -4.74 -12.66 22.02
CA ALA D 114 -5.50 -12.07 23.11
C ALA D 114 -6.93 -12.58 23.20
N GLY D 115 -7.49 -13.08 22.10
CA GLY D 115 -8.80 -13.70 22.17
C GLY D 115 -9.73 -13.42 21.01
N ALA D 116 -9.34 -12.53 20.09
CA ALA D 116 -10.24 -12.13 19.01
C ALA D 116 -10.54 -13.30 18.08
N ASN D 117 -11.74 -13.29 17.50
CA ASN D 117 -12.04 -14.21 16.41
C ASN D 117 -11.52 -13.75 15.08
N GLY D 118 -10.98 -12.54 15.00
CA GLY D 118 -10.56 -12.03 13.70
C GLY D 118 -10.01 -10.64 13.80
N PHE D 119 -9.18 -10.30 12.82
CA PHE D 119 -8.61 -8.97 12.66
C PHE D 119 -8.63 -8.63 11.17
N VAL D 120 -9.43 -7.64 10.79
CA VAL D 120 -9.58 -7.21 9.41
C VAL D 120 -9.15 -5.75 9.31
N SER D 121 -8.33 -5.44 8.31
CA SER D 121 -7.93 -4.06 8.04
C SER D 121 -8.97 -3.41 7.14
N LYS D 122 -9.62 -2.35 7.64
CA LYS D 122 -10.59 -1.62 6.84
C LYS D 122 -9.98 -1.05 5.57
N LYS D 123 -8.67 -0.85 5.54
CA LYS D 123 -8.01 -0.29 4.37
C LYS D 123 -8.29 -1.11 3.12
N GLU D 124 -8.30 -2.44 3.25
CA GLU D 124 -8.38 -3.34 2.11
C GLU D 124 -9.78 -3.93 1.90
N GLY D 125 -10.82 -3.15 2.20
CA GLY D 125 -12.14 -3.56 1.73
C GLY D 125 -13.06 -3.95 2.87
N MET D 126 -14.36 -3.83 2.60
CA MET D 126 -15.39 -4.21 3.55
C MET D 126 -15.72 -5.70 3.49
N ASN D 127 -15.36 -6.38 2.40
CA ASN D 127 -15.76 -7.76 2.21
C ASN D 127 -15.01 -8.72 3.12
N ASN D 128 -13.89 -8.28 3.71
CA ASN D 128 -13.18 -9.14 4.65
C ASN D 128 -13.91 -9.21 5.99
N ILE D 129 -14.57 -8.12 6.39
CA ILE D 129 -15.31 -8.11 7.65
C ILE D 129 -16.43 -9.15 7.63
N ILE D 130 -17.22 -9.16 6.55
CA ILE D 130 -18.29 -10.13 6.45
C ILE D 130 -17.73 -11.55 6.29
N ALA D 131 -16.56 -11.68 5.67
CA ALA D 131 -15.92 -12.99 5.60
C ALA D 131 -15.33 -13.39 6.96
N ALA D 132 -14.89 -12.42 7.75
CA ALA D 132 -14.44 -12.72 9.11
C ALA D 132 -15.59 -13.19 9.98
N ILE D 133 -16.76 -12.58 9.82
CA ILE D 133 -17.96 -13.05 10.49
C ILE D 133 -18.34 -14.44 9.99
N GLU D 134 -18.09 -14.71 8.71
CA GLU D 134 -18.36 -16.03 8.15
C GLU D 134 -17.53 -17.09 8.85
N ALA D 135 -16.23 -16.82 9.05
CA ALA D 135 -15.36 -17.78 9.71
C ALA D 135 -15.76 -17.98 11.16
N ALA D 136 -16.12 -16.89 11.85
CA ALA D 136 -16.51 -16.99 13.25
C ALA D 136 -17.77 -17.82 13.42
N LYS D 137 -18.71 -17.71 12.46
CA LYS D 137 -19.89 -18.56 12.48
C LYS D 137 -19.51 -20.03 12.43
N ASN D 138 -18.64 -20.40 11.49
CA ASN D 138 -18.27 -21.80 11.29
C ASN D 138 -17.33 -22.33 12.36
N GLY D 139 -16.87 -21.50 13.29
CA GLY D 139 -15.91 -21.93 14.28
C GLY D 139 -14.47 -21.75 13.89
N TYR D 140 -14.18 -20.87 12.95
CA TYR D 140 -12.82 -20.54 12.53
C TYR D 140 -12.56 -19.06 12.79
N CYS D 141 -11.36 -18.60 12.45
CA CYS D 141 -10.97 -17.23 12.73
C CYS D 141 -10.24 -16.65 11.53
N TYR D 142 -10.27 -15.32 11.42
CA TYR D 142 -9.87 -14.60 10.22
C TYR D 142 -8.81 -13.56 10.58
N PHE D 143 -7.54 -13.90 10.36
CA PHE D 143 -6.46 -13.00 10.71
C PHE D 143 -5.54 -12.79 9.52
N PRO D 144 -4.87 -11.64 9.44
CA PRO D 144 -3.96 -11.40 8.31
C PRO D 144 -2.75 -12.33 8.36
N PHE D 145 -2.27 -12.67 7.18
CA PHE D 145 -1.17 -13.61 7.01
C PHE D 145 0.13 -12.83 6.80
N SER D 146 1.09 -13.04 7.70
CA SER D 146 2.40 -12.39 7.59
C SER D 146 3.38 -13.40 7.03
N LEU D 147 3.53 -13.39 5.70
CA LEU D 147 4.52 -14.24 5.06
C LEU D 147 5.94 -13.87 5.49
N ASN D 148 6.18 -12.59 5.81
CA ASN D 148 7.48 -12.16 6.29
C ASN D 148 7.88 -12.83 7.59
N ARG D 149 6.96 -13.50 8.27
CA ARG D 149 7.27 -14.23 9.49
C ARG D 149 7.96 -15.56 9.21
N PHE D 150 7.78 -16.11 8.01
CA PHE D 150 8.31 -17.43 7.66
C PHE D 150 9.23 -17.42 6.44
N VAL D 151 9.00 -16.51 5.49
CA VAL D 151 9.76 -16.47 4.24
C VAL D 151 10.25 -15.05 4.01
N GLY D 152 11.56 -14.91 3.77
CA GLY D 152 12.16 -13.64 3.44
C GLY D 152 13.34 -13.34 4.33
N SER D 153 13.78 -12.08 4.28
CA SER D 153 14.90 -11.59 5.10
C SER D 153 14.44 -10.70 6.25
N LEU D 154 13.13 -10.55 6.44
CA LEU D 154 12.60 -9.77 7.56
C LEU D 154 12.03 -10.66 8.65
N THR D 155 12.39 -11.95 8.65
CA THR D 155 11.92 -12.88 9.68
C THR D 155 12.32 -12.41 11.06
N SER D 156 13.60 -12.08 11.24
CA SER D 156 14.07 -11.61 12.54
C SER D 156 13.38 -10.32 12.96
N ASP D 157 13.12 -9.43 12.00
CA ASP D 157 12.39 -8.20 12.32
C ASP D 157 10.93 -8.47 12.61
N GLN D 158 10.36 -9.52 12.00
CA GLN D 158 8.97 -9.84 12.28
C GLN D 158 8.80 -10.49 13.65
N GLN D 159 9.83 -11.20 14.11
CA GLN D 159 9.79 -11.75 15.47
C GLN D 159 9.93 -10.64 16.51
N LYS D 160 10.65 -9.56 16.18
CA LYS D 160 10.78 -8.45 17.13
C LYS D 160 9.48 -7.67 17.26
N LEU D 161 8.61 -7.71 16.24
CA LEU D 161 7.33 -7.03 16.33
C LEU D 161 6.31 -7.82 17.16
N ASP D 162 6.33 -9.15 17.04
CA ASP D 162 5.46 -9.99 17.85
C ASP D 162 5.83 -9.94 19.33
N SER D 163 7.07 -9.59 19.67
CA SER D 163 7.52 -9.60 21.06
C SER D 163 7.05 -8.39 21.85
N LEU D 164 6.50 -7.38 21.19
CA LEU D 164 6.07 -6.17 21.88
C LEU D 164 4.86 -6.46 22.77
N SER D 165 4.57 -5.51 23.64
CA SER D 165 3.38 -5.57 24.49
C SER D 165 2.26 -4.76 23.85
N LYS D 166 1.08 -4.84 24.46
CA LYS D 166 -0.03 -4.01 24.01
C LYS D 166 0.33 -2.53 24.06
N GLN D 167 1.02 -2.12 25.13
CA GLN D 167 1.38 -0.72 25.31
C GLN D 167 2.60 -0.33 24.49
N GLU D 168 3.55 -1.25 24.30
CA GLU D 168 4.68 -0.96 23.43
C GLU D 168 4.23 -0.80 21.98
N ILE D 169 3.35 -1.69 21.51
CA ILE D 169 2.76 -1.54 20.18
C ILE D 169 2.04 -0.20 20.06
N SER D 170 1.21 0.12 21.06
CA SER D 170 0.45 1.36 21.02
C SER D 170 1.38 2.58 21.00
N VAL D 171 2.40 2.56 21.84
CA VAL D 171 3.35 3.67 21.89
C VAL D 171 4.03 3.85 20.54
N MET D 172 4.33 2.75 19.85
CA MET D 172 5.01 2.84 18.56
C MET D 172 4.12 3.49 17.50
N ARG D 173 2.87 3.05 17.40
CA ARG D 173 1.95 3.62 16.42
C ARG D 173 1.78 5.12 16.62
N TYR D 174 1.79 5.58 17.87
CA TYR D 174 1.73 7.01 18.14
C TYR D 174 3.02 7.70 17.71
N ILE D 175 4.17 7.05 17.92
CA ILE D 175 5.45 7.64 17.53
C ILE D 175 5.55 7.72 16.02
N LEU D 176 5.19 6.65 15.32
CA LEU D 176 5.21 6.67 13.86
C LEU D 176 4.23 7.69 13.30
N ASP D 177 3.17 8.00 14.05
CA ASP D 177 2.21 9.01 13.64
C ASP D 177 2.68 10.43 13.94
N GLY D 178 3.90 10.60 14.45
CA GLY D 178 4.43 11.92 14.71
C GLY D 178 3.91 12.58 15.96
N LYS D 179 3.37 11.82 16.90
CA LYS D 179 2.85 12.37 18.15
C LYS D 179 3.96 12.42 19.19
N ASP D 180 3.98 13.50 19.98
CA ASP D 180 5.01 13.69 20.98
C ASP D 180 4.67 12.98 22.28
N ASN D 181 5.61 12.98 23.22
CA ASN D 181 5.43 12.27 24.47
C ASN D 181 4.26 12.83 25.28
N ASN D 182 3.97 14.12 25.14
CA ASN D 182 2.82 14.69 25.83
C ASN D 182 1.51 14.10 25.30
N ASP D 183 1.38 13.98 23.98
CA ASP D 183 0.15 13.46 23.39
C ASP D 183 -0.07 12.00 23.74
N ILE D 184 0.98 11.18 23.62
CA ILE D 184 0.85 9.75 23.91
C ILE D 184 0.39 9.53 25.34
N ALA D 185 0.78 10.43 26.26
CA ALA D 185 0.39 10.28 27.66
C ALA D 185 -1.05 10.72 27.91
N GLU D 186 -1.55 11.69 27.17
CA GLU D 186 -2.92 12.14 27.32
C GLU D 186 -3.93 11.22 26.61
N LYS D 187 -3.47 10.37 25.70
CA LYS D 187 -4.34 9.43 24.99
C LYS D 187 -4.23 7.99 25.48
N MET D 188 -3.11 7.61 26.08
CA MET D 188 -2.98 6.32 26.75
C MET D 188 -3.24 6.40 28.25
N PHE D 189 -3.54 7.60 28.77
CA PHE D 189 -3.90 7.81 30.17
C PHE D 189 -2.83 7.26 31.11
N ILE D 190 -1.59 7.67 30.87
CA ILE D 190 -0.45 7.28 31.68
C ILE D 190 0.40 8.51 31.96
N SER D 191 1.41 8.32 32.81
CA SER D 191 2.30 9.41 33.19
C SER D 191 3.29 9.69 32.06
N ASN D 192 3.96 10.83 32.16
CA ASN D 192 5.00 11.16 31.20
C ASN D 192 6.20 10.24 31.35
N LYS D 193 6.50 9.78 32.57
CA LYS D 193 7.62 8.87 32.77
C LYS D 193 7.30 7.49 32.20
N THR D 194 6.05 7.02 32.39
CA THR D 194 5.69 5.70 31.88
C THR D 194 5.70 5.67 30.36
N VAL D 195 5.46 6.81 29.70
CA VAL D 195 5.63 6.88 28.25
C VAL D 195 7.08 6.59 27.88
N SER D 196 8.02 7.22 28.58
CA SER D 196 9.43 7.03 28.26
C SER D 196 9.86 5.58 28.48
N THR D 197 9.34 4.94 29.54
CA THR D 197 9.70 3.56 29.81
C THR D 197 9.24 2.63 28.70
N TYR D 198 7.99 2.81 28.25
CA TYR D 198 7.50 2.06 27.10
C TYR D 198 8.37 2.31 25.87
N LYS D 199 8.70 3.58 25.62
CA LYS D 199 9.53 3.94 24.47
C LYS D 199 10.85 3.18 24.48
N SER D 200 11.57 3.25 25.61
CA SER D 200 12.87 2.61 25.70
C SER D 200 12.75 1.10 25.59
N ARG D 201 11.80 0.50 26.31
CA ARG D 201 11.59 -0.95 26.22
C ARG D 201 11.21 -1.38 24.82
N LEU D 202 10.46 -0.54 24.10
CA LEU D 202 10.10 -0.84 22.71
C LEU D 202 11.32 -0.77 21.80
N MET D 203 12.02 0.37 21.82
CA MET D 203 13.19 0.54 20.97
C MET D 203 14.23 -0.56 21.23
N GLU D 204 14.31 -1.03 22.47
CA GLU D 204 15.20 -2.15 22.78
C GLU D 204 14.75 -3.41 22.06
N LYS D 205 13.45 -3.75 22.18
CA LYS D 205 12.94 -4.95 21.55
C LYS D 205 13.07 -4.91 20.03
N LEU D 206 13.02 -3.71 19.44
CA LEU D 206 13.22 -3.56 18.01
C LEU D 206 14.67 -3.38 17.61
N GLU D 207 15.59 -3.27 18.57
CA GLU D 207 17.00 -3.01 18.32
C GLU D 207 17.18 -1.76 17.45
N CYS D 208 16.57 -0.67 17.91
CA CYS D 208 16.67 0.63 17.27
C CYS D 208 17.15 1.63 18.31
N LYS D 209 18.28 2.29 18.03
CA LYS D 209 18.89 3.23 18.96
C LYS D 209 18.46 4.67 18.74
N SER D 210 18.22 5.09 17.50
CA SER D 210 17.82 6.45 17.18
C SER D 210 16.40 6.47 16.62
N LEU D 211 15.84 7.68 16.50
CA LEU D 211 14.57 7.83 15.82
C LEU D 211 14.68 7.43 14.35
N MET D 212 15.85 7.68 13.74
CA MET D 212 16.09 7.23 12.38
C MET D 212 15.97 5.72 12.26
N ASP D 213 16.52 4.99 13.22
CA ASP D 213 16.49 3.53 13.17
C ASP D 213 15.05 3.02 13.24
N LEU D 214 14.22 3.66 14.06
CA LEU D 214 12.81 3.27 14.11
C LEU D 214 12.11 3.57 12.80
N TYR D 215 12.35 4.75 12.20
CA TYR D 215 11.81 5.05 10.89
C TYR D 215 12.24 4.00 9.87
N THR D 216 13.54 3.77 9.77
CA THR D 216 14.06 2.81 8.80
C THR D 216 13.55 1.42 9.08
N PHE D 217 13.25 1.09 10.34
CA PHE D 217 12.61 -0.19 10.65
C PHE D 217 11.18 -0.21 10.14
N ALA D 218 10.38 0.80 10.52
CA ALA D 218 9.00 0.85 10.08
C ALA D 218 8.90 0.95 8.56
N GLN D 219 9.86 1.66 7.94
CA GLN D 219 9.89 1.75 6.49
C GLN D 219 10.24 0.41 5.86
N ARG D 220 11.19 -0.31 6.46
CA ARG D 220 11.60 -1.60 5.92
C ARG D 220 10.52 -2.66 6.08
N ASN D 221 9.68 -2.55 7.11
CA ASN D 221 8.66 -3.55 7.38
C ASN D 221 7.25 -3.06 7.05
N LYS D 222 7.12 -1.94 6.35
CA LYS D 222 5.84 -1.44 5.86
C LYS D 222 4.80 -1.33 6.98
N ILE D 223 5.01 -0.31 7.81
CA ILE D 223 4.14 -0.06 8.95
C ILE D 223 3.54 1.33 8.86
#